data_8FF8
#
_entry.id   8FF8
#
_cell.length_a   82.843
_cell.length_b   84.083
_cell.length_c   177.788
_cell.angle_alpha   90.00
_cell.angle_beta   90.00
_cell.angle_gamma   90.00
#
_symmetry.space_group_name_H-M   'P 21 21 21'
#
loop_
_entity.id
_entity.type
_entity.pdbx_description
1 polymer 'Glycogen synthase kinase-3 beta'
2 non-polymer 2-(4-cyanoanilino)-N-(4-phenylpyridin-3-yl)pyrimidine-4-carboxamide
3 water water
#
_entity_poly.entity_id   1
_entity_poly.type   'polypeptide(L)'
_entity_poly.pdbx_seq_one_letter_code
;MHSSHHHHHHSSGENLYFQGHMSGRPRTTSFAESCKPVQQPSAFGSMKVSRDKDGSKVTTVVATPGQGPDRPQEVSYTDT
KVIGNGSFGVVYQAKLCDSGELVAIKKVLQDKRFKNRELQIMRKLDHCNIVRLRYFFYSSGEKKDEVYLNLVLDYVPETV
YRVARHYSRAKQTLPVIYVKLYMYQLFRSLAYIHSFGICHRDIKPQNLLLDPDTAVLKLCDFGSAKQLVRGEPNVSYICS
RYYRAPELIFGATDYTSSIDVWSAGCVLAELLLGQPIFPGDSGVDQLVEIIKVLGTPTREQIREMNPNYTEFKFPQIKAH
PWTKVFRPRTPPEAIALCSRLLEYTPTARLTPLEACAHSFFDELRDPNVKLPNGRDTPALFNFTTQELSSNPPLATILIP
PHARIQAAASTPTNATAASDANTGDRGQTNNAASASASNST
;
_entity_poly.pdbx_strand_id   A,B
#
# COMPACT_ATOMS: atom_id res chain seq x y z
N LYS A 57 -40.24 2.76 -2.80
CA LYS A 57 -39.84 1.35 -2.92
C LYS A 57 -39.58 0.72 -1.54
N VAL A 58 -40.48 -0.18 -1.11
CA VAL A 58 -40.37 -0.84 0.19
C VAL A 58 -39.91 -2.29 0.03
N THR A 59 -38.80 -2.66 0.69
CA THR A 59 -38.25 -4.00 0.68
C THR A 59 -38.54 -4.67 2.01
N THR A 60 -39.20 -5.84 2.01
CA THR A 60 -39.49 -6.56 3.25
C THR A 60 -38.65 -7.85 3.28
N VAL A 61 -37.95 -8.07 4.38
CA VAL A 61 -37.12 -9.26 4.54
C VAL A 61 -37.44 -9.99 5.86
N VAL A 62 -36.99 -11.23 6.03
CA VAL A 62 -37.13 -11.92 7.30
C VAL A 62 -35.73 -11.99 7.87
N ALA A 63 -35.39 -11.02 8.73
CA ALA A 63 -34.06 -10.86 9.32
C ALA A 63 -33.98 -11.35 10.73
N THR A 64 -32.81 -11.83 11.12
CA THR A 64 -32.52 -12.36 12.43
C THR A 64 -31.89 -11.26 13.26
N PRO A 65 -32.38 -10.99 14.47
CA PRO A 65 -31.74 -9.96 15.31
C PRO A 65 -30.31 -10.35 15.66
N GLY A 66 -29.43 -9.36 15.73
CA GLY A 66 -28.02 -9.56 15.99
C GLY A 66 -27.74 -10.11 17.36
N GLN A 67 -28.22 -9.42 18.37
CA GLN A 67 -28.10 -9.89 19.75
C GLN A 67 -29.38 -10.73 20.09
N GLY A 68 -29.48 -11.21 21.32
CA GLY A 68 -30.62 -12.00 21.76
C GLY A 68 -30.68 -13.38 21.15
N PRO A 69 -31.84 -14.03 21.25
CA PRO A 69 -31.96 -15.39 20.68
C PRO A 69 -32.33 -15.37 19.20
N ASP A 70 -32.10 -16.49 18.48
CA ASP A 70 -32.36 -16.58 17.05
C ASP A 70 -33.85 -16.65 16.68
N ARG A 71 -34.55 -15.51 16.76
CA ARG A 71 -35.96 -15.45 16.47
C ARG A 71 -36.21 -14.38 15.42
N PRO A 72 -36.26 -14.79 14.15
CA PRO A 72 -36.41 -13.83 13.05
C PRO A 72 -37.69 -13.02 13.02
N GLN A 73 -37.63 -11.88 12.35
CA GLN A 73 -38.80 -11.03 12.18
C GLN A 73 -38.83 -10.33 10.85
N GLU A 74 -40.01 -9.88 10.47
CA GLU A 74 -40.19 -9.16 9.24
C GLU A 74 -39.70 -7.75 9.40
N VAL A 75 -38.72 -7.35 8.61
CA VAL A 75 -38.16 -6.01 8.65
C VAL A 75 -38.41 -5.36 7.29
N SER A 76 -39.00 -4.18 7.30
CA SER A 76 -39.29 -3.45 6.07
C SER A 76 -38.45 -2.17 6.02
N TYR A 77 -37.86 -1.87 4.87
CA TYR A 77 -37.05 -0.66 4.72
C TYR A 77 -37.22 0.00 3.35
N THR A 78 -36.86 1.28 3.25
CA THR A 78 -37.00 2.05 2.01
C THR A 78 -35.84 3.09 1.86
N ASP A 79 -35.81 3.88 0.75
CA ASP A 79 -34.82 4.92 0.48
C ASP A 79 -33.41 4.35 0.42
N THR A 80 -33.27 3.17 -0.19
CA THR A 80 -31.97 2.52 -0.27
C THR A 80 -31.04 3.22 -1.24
N LYS A 81 -29.90 3.71 -0.74
CA LYS A 81 -28.89 4.35 -1.58
C LYS A 81 -27.49 3.80 -1.24
N VAL A 82 -26.59 3.71 -2.23
CA VAL A 82 -25.22 3.22 -1.99
C VAL A 82 -24.40 4.30 -1.32
N ILE A 83 -23.66 3.94 -0.24
CA ILE A 83 -22.78 4.89 0.46
C ILE A 83 -21.32 4.40 0.54
N GLY A 84 -21.04 3.17 0.09
CA GLY A 84 -19.70 2.64 0.14
C GLY A 84 -19.54 1.44 -0.77
N ASN A 85 -18.36 1.30 -1.38
CA ASN A 85 -17.97 0.22 -2.30
C ASN A 85 -16.52 -0.16 -2.03
N GLY A 86 -16.15 -1.37 -2.42
CA GLY A 86 -14.78 -1.83 -2.27
C GLY A 86 -14.67 -3.30 -2.55
N SER A 87 -13.48 -3.86 -2.31
CA SER A 87 -13.27 -5.28 -2.51
C SER A 87 -14.18 -6.12 -1.59
N PHE A 88 -14.57 -5.56 -0.42
CA PHE A 88 -15.44 -6.23 0.54
C PHE A 88 -16.86 -6.46 -0.02
N GLY A 89 -17.37 -5.47 -0.76
CA GLY A 89 -18.72 -5.52 -1.29
C GLY A 89 -19.31 -4.13 -1.30
N VAL A 90 -20.53 -3.96 -0.79
CA VAL A 90 -21.22 -2.67 -0.82
C VAL A 90 -21.89 -2.32 0.51
N VAL A 91 -21.80 -1.06 0.94
CA VAL A 91 -22.55 -0.58 2.09
C VAL A 91 -23.66 0.35 1.59
N TYR A 92 -24.90 0.10 2.00
CA TYR A 92 -26.05 0.91 1.65
C TYR A 92 -26.54 1.70 2.85
N GLN A 93 -27.34 2.73 2.59
CA GLN A 93 -28.05 3.44 3.64
C GLN A 93 -29.55 3.20 3.36
N ALA A 94 -30.35 2.98 4.40
CA ALA A 94 -31.78 2.73 4.24
C ALA A 94 -32.53 3.27 5.45
N LYS A 95 -33.84 3.48 5.32
CA LYS A 95 -34.66 3.94 6.42
C LYS A 95 -35.63 2.82 6.79
N LEU A 96 -35.71 2.43 8.08
CA LEU A 96 -36.64 1.39 8.55
C LEU A 96 -38.08 1.96 8.53
N CYS A 97 -39.06 1.23 7.98
CA CYS A 97 -40.43 1.72 7.85
C CYS A 97 -41.14 1.96 9.18
N ASP A 98 -40.95 1.05 10.14
CA ASP A 98 -41.63 1.17 11.43
C ASP A 98 -41.20 2.41 12.23
N SER A 99 -39.91 2.56 12.50
CA SER A 99 -39.39 3.65 13.33
C SER A 99 -38.94 4.88 12.56
N GLY A 100 -38.58 4.70 11.30
CA GLY A 100 -38.02 5.78 10.50
C GLY A 100 -36.53 6.01 10.76
N GLU A 101 -35.88 5.07 11.48
CA GLU A 101 -34.46 5.15 11.81
C GLU A 101 -33.59 4.81 10.60
N LEU A 102 -32.47 5.52 10.43
CA LEU A 102 -31.54 5.19 9.35
C LEU A 102 -30.70 4.00 9.79
N VAL A 103 -30.41 3.11 8.85
CA VAL A 103 -29.54 1.96 9.06
C VAL A 103 -28.53 1.88 7.91
N ALA A 104 -27.44 1.17 8.13
CA ALA A 104 -26.49 0.87 7.08
C ALA A 104 -26.61 -0.64 6.79
N ILE A 105 -26.54 -1.05 5.54
CA ILE A 105 -26.62 -2.46 5.19
C ILE A 105 -25.35 -2.86 4.48
N LYS A 106 -24.49 -3.64 5.15
CA LYS A 106 -23.26 -4.11 4.52
C LYS A 106 -23.58 -5.41 3.79
N LYS A 107 -23.43 -5.46 2.47
CA LYS A 107 -23.74 -6.66 1.70
C LYS A 107 -22.45 -7.29 1.22
N VAL A 108 -22.20 -8.53 1.62
CA VAL A 108 -20.99 -9.25 1.24
C VAL A 108 -21.34 -10.61 0.67
N LEU A 109 -20.45 -11.16 -0.15
CA LEU A 109 -20.63 -12.48 -0.72
C LEU A 109 -20.42 -13.49 0.41
N GLN A 110 -21.31 -14.49 0.50
CA GLN A 110 -21.23 -15.52 1.54
C GLN A 110 -20.53 -16.79 1.07
N ASP A 111 -19.47 -17.22 1.79
CA ASP A 111 -18.72 -18.44 1.52
C ASP A 111 -19.60 -19.62 1.89
N LYS A 112 -19.74 -20.59 0.97
CA LYS A 112 -20.59 -21.76 1.18
C LYS A 112 -20.00 -22.74 2.22
N ARG A 113 -18.67 -22.80 2.33
CA ARG A 113 -17.96 -23.73 3.22
C ARG A 113 -18.08 -23.43 4.71
N PHE A 114 -18.25 -22.15 5.10
CA PHE A 114 -18.30 -21.82 6.53
C PHE A 114 -19.02 -20.52 6.84
N LYS A 115 -19.42 -20.35 8.10
CA LYS A 115 -20.08 -19.16 8.60
C LYS A 115 -19.16 -17.94 8.49
N ASN A 116 -19.73 -16.78 8.14
CA ASN A 116 -18.99 -15.53 8.01
C ASN A 116 -18.43 -15.12 9.37
N ARG A 117 -17.10 -14.94 9.43
CA ARG A 117 -16.40 -14.60 10.66
C ARG A 117 -16.78 -13.22 11.18
N GLU A 118 -17.01 -12.26 10.29
CA GLU A 118 -17.41 -10.92 10.70
C GLU A 118 -18.77 -10.97 11.41
N LEU A 119 -19.70 -11.78 10.90
CA LEU A 119 -21.03 -11.95 11.52
C LEU A 119 -20.88 -12.61 12.91
N GLN A 120 -20.04 -13.65 13.04
CA GLN A 120 -19.83 -14.30 14.35
C GLN A 120 -19.28 -13.34 15.37
N ILE A 121 -18.41 -12.44 14.95
CA ILE A 121 -17.80 -11.46 15.86
C ILE A 121 -18.83 -10.40 16.23
N MET A 122 -19.52 -9.85 15.23
CA MET A 122 -20.53 -8.82 15.45
C MET A 122 -21.67 -9.19 16.37
N ARG A 123 -22.14 -10.44 16.28
CA ARG A 123 -23.22 -10.91 17.14
C ARG A 123 -22.83 -10.97 18.61
N LYS A 124 -21.52 -11.03 18.93
CA LYS A 124 -21.09 -11.09 20.30
C LYS A 124 -20.63 -9.72 20.86
N LEU A 125 -20.65 -8.64 20.05
CA LEU A 125 -20.21 -7.33 20.54
C LEU A 125 -21.35 -6.40 20.99
N ASP A 126 -21.16 -5.75 22.13
CA ASP A 126 -22.14 -4.81 22.66
C ASP A 126 -21.40 -3.67 23.37
N HIS A 127 -21.08 -2.58 22.65
CA HIS A 127 -20.34 -1.44 23.20
C HIS A 127 -20.75 -0.16 22.50
N CYS A 128 -20.88 0.94 23.24
CA CYS A 128 -21.34 2.25 22.73
C CYS A 128 -20.43 2.85 21.63
N ASN A 129 -19.14 2.45 21.57
CA ASN A 129 -18.20 2.90 20.58
C ASN A 129 -17.90 1.87 19.49
N ILE A 130 -18.83 0.96 19.25
CA ILE A 130 -18.73 -0.05 18.22
C ILE A 130 -20.07 -0.05 17.54
N VAL A 131 -20.11 0.04 16.21
CA VAL A 131 -21.36 0.05 15.46
C VAL A 131 -22.16 -1.24 15.79
N ARG A 132 -23.45 -1.09 16.04
CA ARG A 132 -24.30 -2.18 16.49
C ARG A 132 -24.94 -2.94 15.37
N LEU A 133 -24.84 -4.26 15.42
CA LEU A 133 -25.51 -5.11 14.46
C LEU A 133 -26.98 -5.26 14.93
N ARG A 134 -27.88 -4.67 14.20
CA ARG A 134 -29.31 -4.74 14.50
C ARG A 134 -29.90 -6.07 14.03
N TYR A 135 -29.75 -6.38 12.73
CA TYR A 135 -30.23 -7.62 12.14
C TYR A 135 -29.24 -8.14 11.10
N PHE A 136 -29.45 -9.37 10.65
CA PHE A 136 -28.73 -9.90 9.51
C PHE A 136 -29.66 -10.78 8.71
N PHE A 137 -29.46 -10.84 7.40
CA PHE A 137 -30.28 -11.68 6.53
C PHE A 137 -29.53 -12.09 5.27
N TYR A 138 -29.89 -13.26 4.71
CA TYR A 138 -29.26 -13.71 3.47
C TYR A 138 -30.12 -13.31 2.28
N SER A 139 -29.48 -13.09 1.13
CA SER A 139 -30.21 -12.65 -0.06
C SER A 139 -29.48 -13.02 -1.37
N SER A 140 -30.13 -12.74 -2.53
CA SER A 140 -29.54 -12.86 -3.86
C SER A 140 -28.77 -11.52 -4.17
N GLY A 141 -28.15 -11.37 -5.34
CA GLY A 141 -27.46 -10.13 -5.68
C GLY A 141 -27.02 -9.99 -7.11
N GLU A 142 -25.83 -9.37 -7.32
CA GLU A 142 -25.25 -9.17 -8.64
C GLU A 142 -24.86 -10.53 -9.26
N LYS A 143 -24.05 -11.35 -8.55
CA LYS A 143 -23.65 -12.65 -9.07
C LYS A 143 -24.74 -13.72 -8.83
N LYS A 144 -25.33 -14.27 -9.93
CA LYS A 144 -26.38 -15.29 -9.87
C LYS A 144 -25.85 -16.60 -9.28
N ASP A 145 -26.71 -17.35 -8.55
CA ASP A 145 -26.35 -18.60 -7.83
C ASP A 145 -25.36 -18.36 -6.68
N GLU A 146 -25.28 -17.12 -6.20
CA GLU A 146 -24.42 -16.75 -5.08
C GLU A 146 -25.30 -16.16 -3.98
N VAL A 147 -25.04 -16.59 -2.75
CA VAL A 147 -25.79 -16.09 -1.62
C VAL A 147 -25.01 -14.95 -0.96
N TYR A 148 -25.71 -13.89 -0.60
CA TYR A 148 -25.10 -12.74 0.05
C TYR A 148 -25.53 -12.63 1.51
N LEU A 149 -24.62 -12.15 2.37
CA LEU A 149 -24.91 -11.87 3.77
C LEU A 149 -25.13 -10.35 3.86
N ASN A 150 -26.22 -9.92 4.49
CA ASN A 150 -26.52 -8.53 4.66
C ASN A 150 -26.50 -8.21 6.13
N LEU A 151 -25.66 -7.25 6.56
CA LEU A 151 -25.59 -6.84 7.96
C LEU A 151 -26.31 -5.52 8.12
N VAL A 152 -27.38 -5.49 8.90
CA VAL A 152 -28.11 -4.26 9.14
C VAL A 152 -27.53 -3.63 10.41
N LEU A 153 -26.81 -2.54 10.24
CA LEU A 153 -26.12 -1.87 11.32
C LEU A 153 -26.73 -0.53 11.61
N ASP A 154 -26.45 0.03 12.79
CA ASP A 154 -26.86 1.41 13.11
C ASP A 154 -26.14 2.36 12.14
N TYR A 155 -26.82 3.33 11.53
CA TYR A 155 -26.17 4.24 10.60
C TYR A 155 -25.43 5.35 11.35
N VAL A 156 -24.20 5.64 10.93
CA VAL A 156 -23.40 6.73 11.49
C VAL A 156 -23.05 7.63 10.28
N PRO A 157 -23.30 8.95 10.32
CA PRO A 157 -23.17 9.76 9.09
C PRO A 157 -21.78 10.15 8.63
N GLU A 158 -20.81 10.28 9.51
CA GLU A 158 -19.47 10.75 9.12
C GLU A 158 -18.33 9.78 9.44
N THR A 159 -17.11 10.09 9.00
CA THR A 159 -15.93 9.32 9.30
C THR A 159 -14.80 10.28 9.76
N VAL A 160 -13.83 9.76 10.53
CA VAL A 160 -12.66 10.55 10.92
C VAL A 160 -11.87 10.96 9.66
N TYR A 161 -11.86 10.11 8.62
CA TYR A 161 -11.20 10.42 7.37
C TYR A 161 -11.80 11.69 6.72
N ARG A 162 -13.13 11.72 6.51
CA ARG A 162 -13.79 12.88 5.93
C ARG A 162 -13.62 14.12 6.77
N VAL A 163 -13.82 14.03 8.08
CA VAL A 163 -13.68 15.17 8.97
C VAL A 163 -12.26 15.71 8.96
N ALA A 164 -11.25 14.85 9.18
CA ALA A 164 -9.86 15.29 9.12
C ALA A 164 -9.48 15.91 7.76
N ARG A 165 -10.03 15.39 6.67
CA ARG A 165 -9.79 15.88 5.32
C ARG A 165 -10.29 17.32 5.18
N HIS A 166 -11.43 17.66 5.81
CA HIS A 166 -11.97 19.04 5.79
C HIS A 166 -10.95 19.98 6.42
N TYR A 167 -10.48 19.63 7.59
CA TYR A 167 -9.50 20.44 8.29
C TYR A 167 -8.20 20.58 7.51
N SER A 168 -7.63 19.46 7.02
CA SER A 168 -6.38 19.51 6.25
C SER A 168 -6.52 20.37 4.97
N ARG A 169 -7.64 20.23 4.22
CA ARG A 169 -7.90 21.02 3.00
C ARG A 169 -8.03 22.51 3.33
N ALA A 170 -8.56 22.85 4.52
CA ALA A 170 -8.68 24.26 4.92
C ALA A 170 -7.41 24.81 5.60
N LYS A 171 -6.31 24.05 5.60
CA LYS A 171 -5.02 24.39 6.20
C LYS A 171 -5.15 24.60 7.71
N GLN A 172 -5.95 23.76 8.36
CA GLN A 172 -6.18 23.83 9.81
C GLN A 172 -6.13 22.46 10.45
N THR A 173 -6.05 22.43 11.78
CA THR A 173 -6.11 21.14 12.49
C THR A 173 -7.40 21.05 13.26
N LEU A 174 -7.83 19.82 13.50
CA LEU A 174 -9.01 19.54 14.27
C LEU A 174 -8.74 19.99 15.71
N PRO A 175 -9.68 20.71 16.34
CA PRO A 175 -9.46 21.16 17.72
C PRO A 175 -9.16 19.99 18.64
N VAL A 176 -8.17 20.17 19.52
CA VAL A 176 -7.66 19.15 20.41
C VAL A 176 -8.73 18.52 21.28
N ILE A 177 -9.86 19.22 21.54
CA ILE A 177 -10.97 18.64 22.30
C ILE A 177 -11.54 17.43 21.53
N TYR A 178 -11.65 17.54 20.20
CA TYR A 178 -12.15 16.48 19.33
C TYR A 178 -11.11 15.38 19.19
N VAL A 179 -9.80 15.72 19.13
CA VAL A 179 -8.72 14.72 19.10
C VAL A 179 -8.83 13.83 20.35
N LYS A 180 -9.01 14.47 21.53
CA LYS A 180 -9.18 13.74 22.79
C LYS A 180 -10.46 12.87 22.78
N LEU A 181 -11.63 13.43 22.43
CA LEU A 181 -12.88 12.69 22.40
C LEU A 181 -12.82 11.50 21.48
N TYR A 182 -12.37 11.69 20.27
CA TYR A 182 -12.31 10.62 19.29
C TYR A 182 -11.28 9.57 19.69
N MET A 183 -10.06 10.00 20.06
CA MET A 183 -9.03 9.03 20.42
C MET A 183 -9.39 8.21 21.65
N TYR A 184 -10.08 8.82 22.61
CA TYR A 184 -10.49 8.14 23.83
C TYR A 184 -11.52 7.09 23.51
N GLN A 185 -12.49 7.42 22.66
CA GLN A 185 -13.54 6.48 22.30
C GLN A 185 -12.99 5.29 21.51
N LEU A 186 -11.96 5.53 20.67
CA LEU A 186 -11.30 4.48 19.90
C LEU A 186 -10.60 3.52 20.89
N PHE A 187 -9.87 4.07 21.87
CA PHE A 187 -9.20 3.22 22.84
C PHE A 187 -10.18 2.39 23.69
N ARG A 188 -11.40 2.91 24.00
CA ARG A 188 -12.44 2.13 24.71
C ARG A 188 -12.89 0.95 23.84
N SER A 189 -13.21 1.22 22.56
CA SER A 189 -13.64 0.14 21.65
C SER A 189 -12.56 -0.94 21.53
N LEU A 190 -11.29 -0.52 21.47
CA LEU A 190 -10.18 -1.47 21.40
C LEU A 190 -10.07 -2.25 22.70
N ALA A 191 -10.20 -1.59 23.87
CA ALA A 191 -10.14 -2.25 25.19
C ALA A 191 -11.21 -3.35 25.28
N TYR A 192 -12.40 -3.03 24.79
CA TYR A 192 -13.50 -3.96 24.78
C TYR A 192 -13.22 -5.17 23.85
N ILE A 193 -12.90 -4.94 22.56
CA ILE A 193 -12.66 -6.07 21.65
C ILE A 193 -11.43 -6.88 22.10
N HIS A 194 -10.34 -6.23 22.54
CA HIS A 194 -9.16 -6.95 23.00
C HIS A 194 -9.44 -7.80 24.24
N SER A 195 -10.45 -7.44 25.07
CA SER A 195 -10.79 -8.23 26.25
C SER A 195 -11.34 -9.63 25.89
N PHE A 196 -11.77 -9.82 24.61
CA PHE A 196 -12.23 -11.10 24.10
C PHE A 196 -11.15 -11.79 23.24
N GLY A 197 -9.95 -11.23 23.14
CA GLY A 197 -8.91 -11.75 22.27
C GLY A 197 -9.08 -11.32 20.80
N ILE A 198 -10.14 -10.55 20.48
CA ILE A 198 -10.39 -10.07 19.13
C ILE A 198 -9.52 -8.86 18.75
N CYS A 199 -8.83 -8.96 17.62
CA CYS A 199 -7.99 -7.88 17.07
C CYS A 199 -8.72 -7.36 15.82
N HIS A 200 -8.87 -6.03 15.67
CA HIS A 200 -9.60 -5.45 14.53
C HIS A 200 -8.82 -5.67 13.21
N ARG A 201 -7.48 -5.44 13.28
CA ARG A 201 -6.53 -5.63 12.19
C ARG A 201 -6.65 -4.61 11.03
N ASP A 202 -7.54 -3.61 11.13
CA ASP A 202 -7.65 -2.61 10.07
C ASP A 202 -8.05 -1.24 10.62
N ILE A 203 -7.39 -0.81 11.69
CA ILE A 203 -7.65 0.50 12.26
C ILE A 203 -7.07 1.55 11.34
N LYS A 204 -7.94 2.47 10.89
CA LYS A 204 -7.62 3.58 10.01
C LYS A 204 -8.81 4.60 10.08
N PRO A 205 -8.54 5.87 9.70
CA PRO A 205 -9.57 6.90 9.79
C PRO A 205 -10.90 6.60 9.10
N GLN A 206 -10.90 5.91 7.96
CA GLN A 206 -12.13 5.58 7.25
C GLN A 206 -13.03 4.60 8.06
N ASN A 207 -12.41 3.80 8.94
CA ASN A 207 -13.13 2.85 9.80
C ASN A 207 -13.60 3.45 11.13
N LEU A 208 -13.36 4.76 11.36
CA LEU A 208 -13.78 5.39 12.58
C LEU A 208 -14.97 6.28 12.25
N LEU A 209 -16.19 5.78 12.53
CA LEU A 209 -17.41 6.53 12.25
C LEU A 209 -17.65 7.58 13.30
N LEU A 210 -18.30 8.67 12.91
CA LEU A 210 -18.49 9.82 13.76
C LEU A 210 -19.88 10.40 13.61
N ASP A 211 -20.50 10.79 14.72
CA ASP A 211 -21.76 11.52 14.66
C ASP A 211 -21.33 12.91 15.11
N PRO A 212 -21.30 13.87 14.18
CA PRO A 212 -20.76 15.21 14.53
C PRO A 212 -21.53 15.98 15.61
N ASP A 213 -22.86 15.83 15.68
CA ASP A 213 -23.66 16.53 16.67
C ASP A 213 -23.40 16.04 18.10
N THR A 214 -23.23 14.72 18.28
CA THR A 214 -23.00 14.19 19.62
C THR A 214 -21.53 13.90 19.95
N ALA A 215 -20.65 13.98 18.96
CA ALA A 215 -19.22 13.64 19.07
C ALA A 215 -18.98 12.16 19.42
N VAL A 216 -19.96 11.28 19.09
CA VAL A 216 -19.80 9.87 19.34
C VAL A 216 -18.98 9.25 18.22
N LEU A 217 -18.02 8.42 18.58
CA LEU A 217 -17.21 7.68 17.63
C LEU A 217 -17.62 6.21 17.73
N LYS A 218 -17.75 5.54 16.59
CA LYS A 218 -18.02 4.12 16.56
C LYS A 218 -17.09 3.41 15.59
N LEU A 219 -16.39 2.40 16.09
CA LEU A 219 -15.52 1.55 15.29
C LEU A 219 -16.40 0.71 14.38
N CYS A 220 -16.03 0.58 13.11
CA CYS A 220 -16.78 -0.23 12.16
C CYS A 220 -15.81 -1.09 11.31
N ASP A 221 -16.38 -1.96 10.45
CA ASP A 221 -15.71 -2.84 9.50
C ASP A 221 -14.88 -3.89 10.20
N PHE A 222 -15.57 -4.96 10.56
CA PHE A 222 -14.94 -6.07 11.23
C PHE A 222 -14.58 -7.20 10.24
N GLY A 223 -14.40 -6.85 8.96
CA GLY A 223 -14.07 -7.79 7.89
C GLY A 223 -12.72 -8.45 8.01
N SER A 224 -11.77 -7.80 8.66
CA SER A 224 -10.43 -8.38 8.89
C SER A 224 -10.27 -8.83 10.35
N ALA A 225 -11.28 -8.54 11.24
CA ALA A 225 -11.18 -8.85 12.65
C ALA A 225 -11.02 -10.34 12.90
N LYS A 226 -10.18 -10.67 13.88
CA LYS A 226 -9.94 -12.07 14.21
C LYS A 226 -9.61 -12.26 15.69
N GLN A 227 -10.06 -13.38 16.28
CA GLN A 227 -9.67 -13.73 17.64
C GLN A 227 -8.27 -14.35 17.53
N LEU A 228 -7.27 -13.65 18.04
CA LEU A 228 -5.88 -14.14 17.97
C LEU A 228 -5.60 -15.17 19.04
N VAL A 229 -5.11 -16.35 18.62
CA VAL A 229 -4.75 -17.44 19.54
C VAL A 229 -3.24 -17.66 19.47
N ARG A 230 -2.54 -17.55 20.60
CA ARG A 230 -1.08 -17.71 20.66
C ARG A 230 -0.66 -19.07 20.09
N GLY A 231 0.32 -19.06 19.20
CA GLY A 231 0.78 -20.29 18.57
C GLY A 231 0.08 -20.64 17.28
N GLU A 232 -1.08 -20.02 17.00
CA GLU A 232 -1.77 -20.23 15.73
C GLU A 232 -1.36 -19.06 14.84
N PRO A 233 -0.91 -19.31 13.60
CA PRO A 233 -0.42 -18.21 12.74
C PRO A 233 -1.54 -17.40 12.11
N ASN A 234 -1.23 -16.15 11.80
CA ASN A 234 -2.18 -15.23 11.18
C ASN A 234 -1.56 -14.62 9.95
N VAL A 235 -2.39 -14.29 8.95
CA VAL A 235 -1.89 -13.66 7.73
C VAL A 235 -1.31 -12.27 8.04
N SER A 236 -0.14 -11.97 7.48
CA SER A 236 0.50 -10.68 7.73
C SER A 236 0.01 -9.54 6.81
N TYR A 237 -0.73 -9.85 5.76
CA TYR A 237 -1.14 -8.88 4.76
C TYR A 237 -2.41 -8.10 5.09
N ILE A 238 -2.81 -8.09 6.38
CA ILE A 238 -3.94 -7.27 6.82
C ILE A 238 -3.41 -5.87 7.16
N CYS A 239 -4.33 -4.90 7.34
CA CYS A 239 -4.02 -3.52 7.75
C CYS A 239 -3.62 -2.62 6.59
N SER A 240 -4.16 -1.41 6.57
CA SER A 240 -3.96 -0.51 5.45
C SER A 240 -2.73 0.32 5.52
N ARG A 241 -2.22 0.69 4.33
CA ARG A 241 -1.08 1.56 4.06
C ARG A 241 -1.11 2.81 4.96
N TYR A 242 0.02 3.10 5.63
CA TYR A 242 0.25 4.20 6.59
C TYR A 242 0.05 3.72 8.02
N TYR A 243 -0.84 2.76 8.27
CA TYR A 243 -1.22 2.33 9.63
C TYR A 243 -0.67 0.98 10.07
N ARG A 244 0.15 0.35 9.24
CA ARG A 244 0.67 -0.98 9.54
C ARG A 244 1.79 -0.93 10.54
N ALA A 245 1.71 -1.77 11.57
CA ALA A 245 2.72 -1.89 12.61
C ALA A 245 4.00 -2.41 11.95
N PRO A 246 5.20 -2.07 12.43
CA PRO A 246 6.43 -2.55 11.77
C PRO A 246 6.54 -4.08 11.72
N GLU A 247 5.98 -4.81 12.71
CA GLU A 247 5.98 -6.29 12.64
C GLU A 247 5.17 -6.75 11.41
N LEU A 248 4.10 -6.03 11.03
CA LEU A 248 3.32 -6.39 9.83
C LEU A 248 4.11 -6.05 8.57
N ILE A 249 4.89 -4.97 8.57
CA ILE A 249 5.72 -4.62 7.43
C ILE A 249 6.76 -5.71 7.20
N PHE A 250 7.40 -6.19 8.29
CA PHE A 250 8.34 -7.30 8.19
C PHE A 250 7.65 -8.65 7.96
N GLY A 251 6.37 -8.67 7.67
CA GLY A 251 5.63 -9.88 7.39
C GLY A 251 5.47 -10.89 8.52
N ALA A 252 5.48 -10.46 9.80
CA ALA A 252 5.30 -11.37 10.92
C ALA A 252 3.92 -12.01 10.89
N THR A 253 3.84 -13.29 11.23
CA THR A 253 2.56 -14.02 11.30
C THR A 253 2.16 -14.32 12.77
N ASP A 254 3.06 -14.02 13.77
CA ASP A 254 2.88 -14.26 15.20
C ASP A 254 2.58 -12.98 16.01
N TYR A 255 2.03 -11.96 15.35
CA TYR A 255 1.71 -10.70 16.01
C TYR A 255 0.56 -10.80 17.03
N THR A 256 0.43 -9.77 17.88
CA THR A 256 -0.59 -9.67 18.93
C THR A 256 -1.58 -8.52 18.61
N SER A 257 -2.59 -8.33 19.50
CA SER A 257 -3.58 -7.25 19.39
C SER A 257 -2.94 -5.86 19.38
N SER A 258 -1.67 -5.76 19.83
CA SER A 258 -0.96 -4.52 19.89
C SER A 258 -0.74 -3.89 18.51
N ILE A 259 -1.01 -4.62 17.40
CA ILE A 259 -0.94 -4.00 16.07
C ILE A 259 -2.01 -2.89 15.96
N ASP A 260 -3.18 -3.05 16.64
CA ASP A 260 -4.24 -2.04 16.69
C ASP A 260 -3.79 -0.79 17.41
N VAL A 261 -2.90 -0.93 18.40
CA VAL A 261 -2.41 0.20 19.18
C VAL A 261 -1.46 1.03 18.34
N TRP A 262 -0.64 0.38 17.49
CA TRP A 262 0.26 1.10 16.57
C TRP A 262 -0.65 1.89 15.58
N SER A 263 -1.67 1.22 15.01
CA SER A 263 -2.61 1.88 14.10
C SER A 263 -3.27 3.10 14.74
N ALA A 264 -3.76 2.95 16.00
CA ALA A 264 -4.36 4.06 16.72
C ALA A 264 -3.35 5.21 16.97
N GLY A 265 -2.09 4.89 17.26
CA GLY A 265 -1.05 5.89 17.42
C GLY A 265 -0.79 6.68 16.14
N CYS A 266 -0.92 6.01 14.97
CA CYS A 266 -0.80 6.61 13.65
C CYS A 266 -1.98 7.55 13.39
N VAL A 267 -3.19 7.17 13.83
CA VAL A 267 -4.37 8.02 13.70
C VAL A 267 -4.20 9.29 14.59
N LEU A 268 -3.73 9.12 15.83
CA LEU A 268 -3.51 10.26 16.74
C LEU A 268 -2.53 11.25 16.12
N ALA A 269 -1.36 10.77 15.70
CA ALA A 269 -0.31 11.58 15.06
C ALA A 269 -0.83 12.29 13.79
N GLU A 270 -1.65 11.60 12.99
CA GLU A 270 -2.21 12.19 11.78
C GLU A 270 -3.19 13.30 12.11
N LEU A 271 -3.99 13.15 13.20
CA LEU A 271 -4.91 14.20 13.62
C LEU A 271 -4.14 15.42 14.19
N LEU A 272 -2.97 15.19 14.84
CA LEU A 272 -2.12 16.26 15.37
C LEU A 272 -1.39 16.99 14.25
N LEU A 273 -0.93 16.26 13.21
CA LEU A 273 -0.16 16.81 12.08
C LEU A 273 -0.95 17.36 10.92
N GLY A 274 -2.12 16.80 10.66
CA GLY A 274 -2.90 17.20 9.49
C GLY A 274 -2.55 16.37 8.25
N GLN A 275 -1.62 15.40 8.41
CA GLN A 275 -1.16 14.49 7.36
C GLN A 275 -0.59 13.20 7.98
N PRO A 276 -0.58 12.07 7.22
CA PRO A 276 -0.05 10.82 7.79
C PRO A 276 1.39 10.94 8.33
N ILE A 277 1.69 10.31 9.46
CA ILE A 277 3.03 10.37 10.05
C ILE A 277 4.04 9.47 9.32
N PHE A 278 3.62 8.27 8.85
CA PHE A 278 4.53 7.37 8.15
C PHE A 278 4.02 7.02 6.75
N PRO A 279 4.04 8.00 5.81
CA PRO A 279 3.53 7.71 4.47
C PRO A 279 4.51 6.91 3.60
N GLY A 280 4.02 6.48 2.44
CA GLY A 280 4.82 5.73 1.48
C GLY A 280 4.02 4.63 0.81
N ASP A 281 4.22 4.41 -0.49
CA ASP A 281 3.50 3.36 -1.21
C ASP A 281 4.13 1.97 -1.09
N SER A 282 5.33 1.87 -0.51
CA SER A 282 5.94 0.58 -0.26
C SER A 282 6.34 0.48 1.23
N GLY A 283 6.54 -0.74 1.72
CA GLY A 283 6.98 -0.96 3.08
C GLY A 283 8.34 -0.36 3.36
N VAL A 284 9.23 -0.30 2.38
CA VAL A 284 10.58 0.26 2.59
C VAL A 284 10.47 1.79 2.79
N ASP A 285 9.58 2.46 2.04
CA ASP A 285 9.36 3.90 2.23
C ASP A 285 8.73 4.16 3.59
N GLN A 286 7.75 3.31 3.99
CA GLN A 286 7.07 3.43 5.28
C GLN A 286 8.10 3.25 6.41
N LEU A 287 8.96 2.25 6.29
CA LEU A 287 10.04 1.95 7.24
C LEU A 287 11.04 3.10 7.36
N VAL A 288 11.39 3.81 6.26
CA VAL A 288 12.33 4.93 6.37
C VAL A 288 11.68 6.08 7.17
N GLU A 289 10.38 6.30 6.96
CA GLU A 289 9.64 7.29 7.71
C GLU A 289 9.54 6.93 9.20
N ILE A 290 9.40 5.65 9.52
CA ILE A 290 9.34 5.18 10.89
C ILE A 290 10.69 5.36 11.55
N ILE A 291 11.78 4.90 10.90
CA ILE A 291 13.17 5.03 11.38
C ILE A 291 13.56 6.49 11.56
N LYS A 292 12.99 7.42 10.76
CA LYS A 292 13.32 8.84 10.91
C LYS A 292 12.79 9.40 12.24
N VAL A 293 11.65 8.89 12.73
CA VAL A 293 11.09 9.37 13.98
C VAL A 293 11.61 8.57 15.19
N LEU A 294 11.52 7.25 15.11
CA LEU A 294 11.87 6.35 16.20
C LEU A 294 13.35 6.02 16.34
N GLY A 295 14.14 6.30 15.31
CA GLY A 295 15.54 5.89 15.29
C GLY A 295 15.66 4.46 14.83
N THR A 296 16.88 3.99 14.58
CA THR A 296 17.11 2.64 14.07
C THR A 296 16.67 1.58 15.06
N PRO A 297 15.87 0.58 14.64
CA PRO A 297 15.49 -0.48 15.59
C PRO A 297 16.73 -1.30 15.92
N THR A 298 16.92 -1.61 17.20
CA THR A 298 18.04 -2.43 17.65
C THR A 298 17.83 -3.87 17.19
N ARG A 299 18.86 -4.72 17.26
CA ARG A 299 18.72 -6.13 16.90
C ARG A 299 17.64 -6.82 17.76
N GLU A 300 17.55 -6.40 19.05
CA GLU A 300 16.58 -6.94 20.00
C GLU A 300 15.15 -6.54 19.58
N GLN A 301 14.95 -5.24 19.24
CA GLN A 301 13.66 -4.73 18.79
C GLN A 301 13.22 -5.43 17.51
N ILE A 302 14.16 -5.66 16.58
CA ILE A 302 13.89 -6.35 15.32
C ILE A 302 13.51 -7.80 15.58
N ARG A 303 14.18 -8.44 16.54
CA ARG A 303 13.86 -9.82 16.90
C ARG A 303 12.41 -9.93 17.43
N GLU A 304 11.95 -8.92 18.19
CA GLU A 304 10.60 -8.86 18.77
C GLU A 304 9.49 -8.68 17.73
N MET A 305 9.83 -8.14 16.55
CA MET A 305 8.88 -7.98 15.44
C MET A 305 9.46 -8.72 14.25
N ASN A 306 9.25 -10.03 14.17
CA ASN A 306 9.81 -10.91 13.13
C ASN A 306 11.35 -11.09 13.25
N PRO A 307 11.76 -12.24 13.85
CA PRO A 307 13.20 -12.54 14.01
C PRO A 307 13.92 -12.96 12.73
N ASN A 308 13.19 -13.30 11.66
CA ASN A 308 13.81 -13.65 10.38
C ASN A 308 14.48 -12.43 9.68
N TYR A 309 14.29 -11.21 10.22
CA TYR A 309 14.85 -10.01 9.61
C TYR A 309 16.04 -9.40 10.36
N THR A 310 16.62 -10.13 11.32
CA THR A 310 17.72 -9.60 12.14
C THR A 310 19.04 -9.32 11.40
N GLU A 311 19.36 -10.10 10.37
CA GLU A 311 20.61 -9.92 9.64
C GLU A 311 20.60 -8.81 8.61
N PHE A 312 19.44 -8.22 8.30
CA PHE A 312 19.37 -7.15 7.31
C PHE A 312 19.98 -5.84 7.83
N LYS A 313 20.52 -5.01 6.93
CA LYS A 313 21.11 -3.73 7.30
C LYS A 313 20.06 -2.61 7.24
N PHE A 314 20.02 -1.74 8.24
CA PHE A 314 19.04 -0.65 8.28
C PHE A 314 19.75 0.70 8.34
N PRO A 315 19.14 1.75 7.74
CA PRO A 315 19.78 3.08 7.79
C PRO A 315 20.02 3.56 9.22
N GLN A 316 21.23 4.09 9.47
CA GLN A 316 21.57 4.55 10.81
C GLN A 316 21.08 5.97 11.11
N ILE A 317 19.91 6.07 11.75
CA ILE A 317 19.34 7.35 12.11
C ILE A 317 19.24 7.44 13.64
N LYS A 318 19.74 8.56 14.21
CA LYS A 318 19.70 8.77 15.67
C LYS A 318 18.25 9.04 16.13
N ALA A 319 17.90 8.61 17.36
CA ALA A 319 16.56 8.78 17.94
C ALA A 319 16.09 10.24 18.00
N HIS A 320 15.31 10.66 16.97
CA HIS A 320 14.78 12.01 16.86
C HIS A 320 13.90 12.39 18.07
N PRO A 321 13.99 13.65 18.56
CA PRO A 321 13.16 14.03 19.70
C PRO A 321 11.72 14.27 19.28
N TRP A 322 10.79 13.53 19.87
CA TRP A 322 9.38 13.62 19.53
C TRP A 322 8.80 15.04 19.56
N THR A 323 9.40 15.96 20.35
CA THR A 323 8.89 17.33 20.44
C THR A 323 9.03 18.07 19.10
N LYS A 324 10.10 17.76 18.33
CA LYS A 324 10.36 18.39 17.03
C LYS A 324 9.49 17.86 15.87
N VAL A 325 8.87 16.68 16.04
CA VAL A 325 8.06 16.09 14.98
C VAL A 325 6.71 16.83 14.79
N PHE A 326 6.12 17.38 15.85
CA PHE A 326 4.83 18.07 15.73
C PHE A 326 4.95 19.61 15.71
N ARG A 327 3.85 20.31 15.34
CA ARG A 327 3.82 21.79 15.36
C ARG A 327 4.12 22.30 16.79
N PRO A 328 4.64 23.55 16.96
CA PRO A 328 5.00 24.01 18.31
C PRO A 328 3.83 24.15 19.31
N ARG A 329 2.61 24.37 18.83
CA ARG A 329 1.45 24.50 19.71
C ARG A 329 0.85 23.12 20.15
N THR A 330 1.47 22.00 19.75
CA THR A 330 0.99 20.66 20.09
C THR A 330 1.11 20.34 21.58
N PRO A 331 0.00 19.93 22.21
CA PRO A 331 0.05 19.63 23.66
C PRO A 331 1.06 18.54 24.00
N PRO A 332 1.97 18.82 24.94
CA PRO A 332 2.98 17.81 25.30
C PRO A 332 2.42 16.48 25.79
N GLU A 333 1.18 16.47 26.28
CA GLU A 333 0.55 15.22 26.72
C GLU A 333 0.24 14.34 25.49
N ALA A 334 -0.18 14.96 24.37
CA ALA A 334 -0.49 14.25 23.13
C ALA A 334 0.79 13.62 22.57
N ILE A 335 1.92 14.37 22.61
CA ILE A 335 3.22 13.91 22.16
C ILE A 335 3.68 12.73 23.02
N ALA A 336 3.57 12.84 24.34
CA ALA A 336 3.93 11.75 25.26
C ALA A 336 3.09 10.50 25.01
N LEU A 337 1.79 10.68 24.70
CA LEU A 337 0.91 9.56 24.40
C LEU A 337 1.40 8.88 23.09
N CYS A 338 1.73 9.67 22.04
CA CYS A 338 2.26 9.14 20.76
C CYS A 338 3.47 8.29 20.98
N SER A 339 4.46 8.81 21.70
CA SER A 339 5.69 8.08 21.95
C SER A 339 5.48 6.77 22.67
N ARG A 340 4.38 6.63 23.42
CA ARG A 340 4.07 5.40 24.14
C ARG A 340 3.26 4.39 23.33
N LEU A 341 2.59 4.84 22.24
CA LEU A 341 1.84 3.96 21.34
C LEU A 341 2.76 3.49 20.17
N LEU A 342 3.53 4.43 19.60
CA LEU A 342 4.41 4.13 18.46
C LEU A 342 5.78 3.68 18.93
N GLU A 343 5.86 2.44 19.41
CA GLU A 343 7.10 1.83 19.89
C GLU A 343 7.39 0.58 19.09
N TYR A 344 8.68 0.27 18.85
CA TYR A 344 9.02 -0.93 18.10
C TYR A 344 8.58 -2.19 18.83
N THR A 345 8.97 -2.34 20.10
CA THR A 345 8.62 -3.54 20.87
C THR A 345 7.13 -3.62 21.08
N PRO A 346 6.45 -4.62 20.50
CA PRO A 346 4.99 -4.69 20.64
C PRO A 346 4.49 -4.69 22.08
N THR A 347 5.25 -5.31 23.00
CA THR A 347 4.87 -5.36 24.40
C THR A 347 5.09 -4.05 25.16
N ALA A 348 5.93 -3.14 24.64
CA ALA A 348 6.20 -1.84 25.26
C ALA A 348 5.10 -0.81 25.02
N ARG A 349 4.25 -1.01 24.02
CA ARG A 349 3.18 -0.06 23.71
C ARG A 349 2.14 -0.11 24.82
N LEU A 350 1.49 1.02 25.11
CA LEU A 350 0.38 1.04 26.07
C LEU A 350 -0.72 0.09 25.61
N THR A 351 -1.50 -0.43 26.55
CA THR A 351 -2.67 -1.20 26.19
C THR A 351 -3.76 -0.12 25.94
N PRO A 352 -4.84 -0.49 25.27
CA PRO A 352 -5.94 0.48 25.07
C PRO A 352 -6.45 1.13 26.39
N LEU A 353 -6.63 0.32 27.43
CA LEU A 353 -7.12 0.78 28.73
C LEU A 353 -6.10 1.68 29.41
N GLU A 354 -4.81 1.36 29.32
CA GLU A 354 -3.78 2.24 29.86
C GLU A 354 -3.78 3.57 29.10
N ALA A 355 -4.06 3.56 27.78
CA ALA A 355 -4.10 4.78 27.00
C ALA A 355 -5.31 5.61 27.40
N CYS A 356 -6.48 4.98 27.68
CA CYS A 356 -7.67 5.70 28.17
C CYS A 356 -7.34 6.50 29.44
N ALA A 357 -6.46 5.93 30.30
CA ALA A 357 -6.06 6.54 31.57
C ALA A 357 -4.94 7.56 31.48
N HIS A 358 -4.49 7.89 30.28
CA HIS A 358 -3.39 8.82 30.06
C HIS A 358 -3.81 10.25 30.40
N SER A 359 -2.84 11.08 30.84
CA SER A 359 -3.08 12.48 31.18
C SER A 359 -3.62 13.31 30.01
N PHE A 360 -3.36 12.89 28.77
CA PHE A 360 -3.91 13.59 27.60
C PHE A 360 -5.46 13.63 27.64
N PHE A 361 -6.09 12.67 28.33
CA PHE A 361 -7.55 12.59 28.42
C PHE A 361 -8.14 13.19 29.71
N ASP A 362 -7.30 13.81 30.59
CA ASP A 362 -7.78 14.40 31.85
C ASP A 362 -8.89 15.44 31.64
N GLU A 363 -8.80 16.24 30.58
CA GLU A 363 -9.83 17.23 30.26
C GLU A 363 -11.23 16.56 30.11
N LEU A 364 -11.25 15.36 29.57
CA LEU A 364 -12.49 14.59 29.37
C LEU A 364 -13.15 14.20 30.72
N ARG A 365 -12.33 14.07 31.76
CA ARG A 365 -12.76 13.69 33.09
C ARG A 365 -13.22 14.86 33.98
N ASP A 366 -12.96 16.12 33.56
CA ASP A 366 -13.41 17.31 34.28
C ASP A 366 -14.94 17.36 34.24
N PRO A 367 -15.60 17.64 35.39
CA PRO A 367 -17.08 17.67 35.41
C PRO A 367 -17.72 18.80 34.66
N ASN A 368 -16.98 19.88 34.40
CA ASN A 368 -17.53 21.02 33.67
C ASN A 368 -17.36 20.98 32.14
N VAL A 369 -16.62 19.99 31.59
CA VAL A 369 -16.41 19.89 30.17
C VAL A 369 -17.72 19.79 29.38
N LYS A 370 -17.77 20.47 28.24
CA LYS A 370 -18.92 20.46 27.34
C LYS A 370 -18.39 20.47 25.89
N LEU A 371 -19.22 20.03 24.93
CA LEU A 371 -18.83 20.07 23.53
C LEU A 371 -18.84 21.54 23.05
N PRO A 372 -18.06 21.87 22.01
CA PRO A 372 -18.11 23.23 21.46
C PRO A 372 -19.51 23.67 21.05
N ASN A 373 -20.37 22.73 20.63
CA ASN A 373 -21.75 23.08 20.28
C ASN A 373 -22.69 23.26 21.49
N GLY A 374 -22.13 23.32 22.69
CA GLY A 374 -22.89 23.53 23.91
C GLY A 374 -23.46 22.29 24.57
N ARG A 375 -23.59 21.18 23.81
CA ARG A 375 -24.14 19.93 24.36
C ARG A 375 -23.21 19.24 25.36
N ASP A 376 -23.76 18.29 26.13
CA ASP A 376 -22.97 17.49 27.06
C ASP A 376 -22.07 16.56 26.22
N THR A 377 -20.94 16.12 26.79
CA THR A 377 -20.10 15.14 26.11
C THR A 377 -20.89 13.80 26.06
N PRO A 378 -20.59 12.90 25.12
CA PRO A 378 -21.28 11.60 25.12
C PRO A 378 -20.86 10.70 26.29
N ALA A 379 -21.46 9.49 26.41
CA ALA A 379 -21.09 8.55 27.46
C ALA A 379 -19.60 8.19 27.37
N LEU A 380 -18.86 8.40 28.43
CA LEU A 380 -17.41 8.14 28.44
C LEU A 380 -16.96 7.26 29.58
N PHE A 381 -17.82 7.06 30.60
CA PHE A 381 -17.41 6.42 31.83
C PHE A 381 -18.21 5.17 32.22
N ASN A 382 -19.16 4.73 31.38
CA ASN A 382 -19.95 3.53 31.64
C ASN A 382 -19.17 2.22 31.38
N PHE A 383 -17.99 2.09 31.96
CA PHE A 383 -17.18 0.90 31.86
C PHE A 383 -17.89 -0.33 32.49
N THR A 384 -17.71 -1.51 31.88
CA THR A 384 -18.19 -2.79 32.42
C THR A 384 -17.00 -3.58 33.02
N THR A 385 -17.27 -4.66 33.77
CA THR A 385 -16.24 -5.53 34.33
C THR A 385 -15.40 -6.15 33.19
N GLN A 386 -16.08 -6.54 32.09
CA GLN A 386 -15.45 -7.12 30.90
C GLN A 386 -14.41 -6.12 30.31
N GLU A 387 -14.80 -4.86 30.22
CA GLU A 387 -13.98 -3.82 29.62
C GLU A 387 -12.77 -3.45 30.46
N LEU A 388 -12.88 -3.55 31.79
CA LEU A 388 -11.79 -3.21 32.73
C LEU A 388 -10.86 -4.39 33.06
N SER A 389 -11.26 -5.63 32.66
CA SER A 389 -10.58 -6.86 33.02
C SER A 389 -9.08 -6.90 32.77
N SER A 390 -8.53 -6.15 31.79
CA SER A 390 -7.06 -6.16 31.60
C SER A 390 -6.31 -5.48 32.76
N ASN A 391 -7.01 -4.60 33.52
CA ASN A 391 -6.39 -3.84 34.62
C ASN A 391 -7.46 -3.18 35.51
N PRO A 392 -8.21 -3.98 36.33
CA PRO A 392 -9.27 -3.38 37.17
C PRO A 392 -8.87 -2.16 38.01
N PRO A 393 -7.67 -2.06 38.63
CA PRO A 393 -7.34 -0.82 39.38
C PRO A 393 -7.46 0.49 38.61
N LEU A 394 -7.40 0.44 37.28
CA LEU A 394 -7.48 1.66 36.48
C LEU A 394 -8.84 2.37 36.60
N ALA A 395 -9.91 1.65 37.05
CA ALA A 395 -11.24 2.25 37.29
C ALA A 395 -11.16 3.46 38.23
N THR A 396 -10.14 3.49 39.09
CA THR A 396 -9.87 4.58 40.02
C THR A 396 -9.66 5.89 39.25
N ILE A 397 -8.96 5.83 38.11
CA ILE A 397 -8.71 6.95 37.22
C ILE A 397 -9.85 7.09 36.19
N LEU A 398 -10.23 5.98 35.54
CA LEU A 398 -11.19 5.97 34.46
C LEU A 398 -12.59 6.45 34.80
N ILE A 399 -13.08 6.21 36.02
CA ILE A 399 -14.41 6.66 36.40
C ILE A 399 -14.22 7.79 37.39
N PRO A 400 -14.36 9.05 36.94
CA PRO A 400 -14.11 10.18 37.85
C PRO A 400 -15.24 10.34 38.90
N PRO A 401 -14.94 10.99 40.05
CA PRO A 401 -15.93 11.13 41.14
C PRO A 401 -17.33 11.59 40.74
N HIS A 402 -17.47 12.50 39.77
CA HIS A 402 -18.77 12.98 39.34
C HIS A 402 -19.56 11.98 38.50
N ALA A 403 -18.95 10.91 37.96
CA ALA A 403 -19.67 9.98 37.08
C ALA A 403 -20.64 9.03 37.79
N LYS B 57 23.42 31.12 -10.81
CA LYS B 57 24.20 30.34 -9.84
C LYS B 57 24.85 29.12 -10.51
N VAL B 58 26.18 29.13 -10.60
CA VAL B 58 26.93 28.03 -11.19
C VAL B 58 27.66 27.21 -10.14
N THR B 59 27.38 25.89 -10.10
CA THR B 59 28.01 24.98 -9.17
C THR B 59 29.03 24.13 -9.92
N THR B 60 30.28 24.11 -9.47
CA THR B 60 31.31 23.29 -10.11
C THR B 60 31.74 22.20 -9.15
N VAL B 61 31.75 20.95 -9.63
CA VAL B 61 32.14 19.79 -8.83
C VAL B 61 33.20 18.96 -9.55
N VAL B 62 33.90 18.08 -8.83
CA VAL B 62 34.83 17.16 -9.46
C VAL B 62 34.17 15.79 -9.33
N ALA B 63 33.46 15.41 -10.40
CA ALA B 63 32.69 14.18 -10.46
C ALA B 63 33.41 13.07 -11.22
N THR B 64 33.15 11.84 -10.84
CA THR B 64 33.72 10.65 -11.45
C THR B 64 32.74 10.13 -12.49
N PRO B 65 33.19 9.84 -13.73
CA PRO B 65 32.25 9.29 -14.72
C PRO B 65 31.72 7.92 -14.30
N GLY B 66 30.47 7.67 -14.63
CA GLY B 66 29.80 6.45 -14.21
C GLY B 66 30.31 5.17 -14.83
N GLN B 67 30.18 5.08 -16.17
CA GLN B 67 30.50 3.86 -16.91
C GLN B 67 31.90 3.78 -17.55
N GLY B 68 32.88 4.55 -17.07
CA GLY B 68 34.23 4.49 -17.63
C GLY B 68 35.31 4.25 -16.60
N PRO B 69 36.60 4.37 -17.00
CA PRO B 69 37.67 4.26 -15.99
C PRO B 69 37.60 5.43 -15.01
N ASP B 70 38.13 5.24 -13.79
CA ASP B 70 38.02 6.25 -12.72
C ASP B 70 38.90 7.50 -12.94
N ARG B 71 38.50 8.38 -13.85
CA ARG B 71 39.23 9.59 -14.15
C ARG B 71 38.30 10.79 -14.00
N PRO B 72 38.30 11.42 -12.81
CA PRO B 72 37.36 12.53 -12.55
C PRO B 72 37.46 13.73 -13.46
N GLN B 73 36.32 14.43 -13.66
CA GLN B 73 36.18 15.60 -14.50
C GLN B 73 35.43 16.72 -13.79
N GLU B 74 35.84 17.98 -14.04
CA GLU B 74 35.15 19.15 -13.53
C GLU B 74 33.84 19.28 -14.25
N VAL B 75 32.74 19.25 -13.51
CA VAL B 75 31.40 19.37 -14.09
C VAL B 75 30.78 20.62 -13.51
N SER B 76 30.32 21.51 -14.37
CA SER B 76 29.68 22.76 -13.95
C SER B 76 28.23 22.76 -14.37
N TYR B 77 27.32 23.15 -13.47
CA TYR B 77 25.91 23.17 -13.78
C TYR B 77 25.17 24.34 -13.14
N THR B 78 23.99 24.66 -13.67
CA THR B 78 23.16 25.78 -13.19
C THR B 78 21.64 25.45 -13.34
N ASP B 79 20.75 26.38 -12.94
CA ASP B 79 19.29 26.25 -13.05
C ASP B 79 18.78 25.05 -12.26
N THR B 80 19.35 24.81 -11.08
CA THR B 80 18.97 23.68 -10.26
C THR B 80 17.59 23.85 -9.65
N LYS B 81 16.66 22.96 -10.01
CA LYS B 81 15.31 22.97 -9.47
C LYS B 81 14.90 21.55 -9.02
N VAL B 82 14.07 21.44 -7.97
CA VAL B 82 13.63 20.14 -7.50
C VAL B 82 12.56 19.59 -8.41
N ILE B 83 12.66 18.32 -8.81
CA ILE B 83 11.66 17.64 -9.65
C ILE B 83 11.08 16.37 -8.98
N GLY B 84 11.65 15.95 -7.85
CA GLY B 84 11.17 14.77 -7.14
C GLY B 84 11.64 14.74 -5.71
N ASN B 85 10.79 14.22 -4.81
CA ASN B 85 11.09 14.09 -3.37
C ASN B 85 10.51 12.77 -2.86
N GLY B 86 11.02 12.30 -1.75
CA GLY B 86 10.53 11.08 -1.15
C GLY B 86 11.41 10.59 -0.04
N SER B 87 11.11 9.38 0.46
CA SER B 87 11.91 8.75 1.50
C SER B 87 13.38 8.58 1.04
N PHE B 88 13.60 8.39 -0.28
CA PHE B 88 14.90 8.19 -0.85
C PHE B 88 15.79 9.42 -0.73
N GLY B 89 15.20 10.59 -0.90
CA GLY B 89 15.93 11.85 -0.90
C GLY B 89 15.34 12.80 -1.91
N VAL B 90 16.18 13.44 -2.76
CA VAL B 90 15.69 14.43 -3.73
C VAL B 90 16.21 14.18 -5.14
N VAL B 91 15.39 14.49 -6.16
CA VAL B 91 15.78 14.43 -7.57
C VAL B 91 15.73 15.85 -8.07
N TYR B 92 16.87 16.37 -8.52
CA TYR B 92 16.93 17.72 -9.08
C TYR B 92 17.04 17.66 -10.59
N GLN B 93 16.69 18.76 -11.25
CA GLN B 93 16.94 18.99 -12.66
C GLN B 93 18.01 20.10 -12.71
N ALA B 94 18.99 19.98 -13.60
CA ALA B 94 20.02 21.00 -13.75
C ALA B 94 20.49 21.05 -15.19
N LYS B 95 21.09 22.18 -15.61
CA LYS B 95 21.59 22.32 -16.96
C LYS B 95 23.10 22.40 -16.90
N LEU B 96 23.79 21.59 -17.70
CA LEU B 96 25.24 21.63 -17.75
C LEU B 96 25.67 22.95 -18.44
N CYS B 97 26.76 23.54 -17.97
CA CYS B 97 27.23 24.81 -18.53
C CYS B 97 27.90 24.67 -19.91
N ASP B 98 28.74 23.65 -20.08
CA ASP B 98 29.45 23.46 -21.34
C ASP B 98 28.52 23.13 -22.53
N SER B 99 27.72 22.07 -22.39
CA SER B 99 26.85 21.61 -23.46
C SER B 99 25.44 22.18 -23.45
N GLY B 100 24.96 22.61 -22.29
CA GLY B 100 23.59 23.07 -22.15
C GLY B 100 22.59 21.93 -22.00
N GLU B 101 23.08 20.69 -21.79
CA GLU B 101 22.27 19.49 -21.65
C GLU B 101 21.60 19.45 -20.29
N LEU B 102 20.34 19.00 -20.24
CA LEU B 102 19.66 18.82 -18.96
C LEU B 102 20.13 17.49 -18.35
N VAL B 103 20.29 17.48 -17.04
CA VAL B 103 20.64 16.28 -16.30
C VAL B 103 19.70 16.20 -15.08
N ALA B 104 19.57 14.99 -14.52
CA ALA B 104 18.85 14.82 -13.28
C ALA B 104 19.92 14.49 -12.21
N ILE B 105 19.80 15.03 -11.00
CA ILE B 105 20.76 14.74 -9.94
C ILE B 105 20.02 14.11 -8.80
N LYS B 106 20.23 12.81 -8.56
CA LYS B 106 19.59 12.14 -7.43
C LYS B 106 20.52 12.29 -6.23
N LYS B 107 20.06 12.96 -5.18
CA LYS B 107 20.87 13.17 -3.99
C LYS B 107 20.33 12.32 -2.86
N VAL B 108 21.15 11.41 -2.34
CA VAL B 108 20.76 10.52 -1.28
C VAL B 108 21.77 10.57 -0.15
N LEU B 109 21.33 10.22 1.06
CA LEU B 109 22.21 10.16 2.20
C LEU B 109 23.12 8.94 2.03
N GLN B 110 24.41 9.11 2.29
CA GLN B 110 25.38 8.02 2.13
C GLN B 110 25.66 7.33 3.46
N ASP B 111 25.37 6.02 3.53
CA ASP B 111 25.64 5.21 4.71
C ASP B 111 27.17 5.09 4.90
N LYS B 112 27.65 5.33 6.11
CA LYS B 112 29.07 5.29 6.44
C LYS B 112 29.64 3.87 6.44
N ARG B 113 28.80 2.87 6.76
CA ARG B 113 29.23 1.47 6.87
C ARG B 113 29.59 0.77 5.56
N PHE B 114 28.99 1.18 4.43
CA PHE B 114 29.25 0.51 3.16
C PHE B 114 28.95 1.36 1.94
N LYS B 115 29.51 0.96 0.78
CA LYS B 115 29.28 1.60 -0.51
C LYS B 115 27.80 1.50 -0.92
N ASN B 116 27.27 2.57 -1.53
CA ASN B 116 25.88 2.62 -1.96
C ASN B 116 25.60 1.55 -3.02
N ARG B 117 24.64 0.66 -2.75
CA ARG B 117 24.28 -0.43 -3.64
C ARG B 117 23.73 0.06 -4.97
N GLU B 118 22.95 1.14 -4.97
CA GLU B 118 22.39 1.68 -6.20
C GLU B 118 23.53 2.19 -7.10
N LEU B 119 24.57 2.81 -6.51
CA LEU B 119 25.73 3.25 -7.26
C LEU B 119 26.46 2.07 -7.89
N GLN B 120 26.72 1.01 -7.11
CA GLN B 120 27.41 -0.18 -7.61
C GLN B 120 26.67 -0.82 -8.76
N ILE B 121 25.34 -0.82 -8.72
CA ILE B 121 24.53 -1.39 -9.78
C ILE B 121 24.57 -0.50 -11.01
N MET B 122 24.37 0.80 -10.82
CA MET B 122 24.37 1.78 -11.91
C MET B 122 25.66 1.86 -12.70
N ARG B 123 26.81 1.73 -12.03
CA ARG B 123 28.10 1.77 -12.71
C ARG B 123 28.33 0.58 -13.63
N LYS B 124 27.59 -0.53 -13.43
CA LYS B 124 27.72 -1.71 -14.27
C LYS B 124 26.66 -1.80 -15.37
N LEU B 125 25.64 -0.93 -15.39
CA LEU B 125 24.62 -0.98 -16.43
C LEU B 125 24.88 -0.06 -17.62
N ASP B 126 24.60 -0.56 -18.82
CA ASP B 126 24.77 0.18 -20.08
C ASP B 126 23.71 -0.33 -21.08
N HIS B 127 22.56 0.37 -21.14
CA HIS B 127 21.47 -0.07 -22.00
C HIS B 127 20.66 1.14 -22.44
N CYS B 128 20.12 1.09 -23.66
CA CYS B 128 19.34 2.19 -24.23
C CYS B 128 18.02 2.47 -23.50
N ASN B 129 17.47 1.46 -22.80
CA ASN B 129 16.22 1.57 -22.04
C ASN B 129 16.42 1.62 -20.53
N ILE B 130 17.59 2.06 -20.09
CA ILE B 130 17.92 2.26 -18.69
C ILE B 130 18.61 3.61 -18.62
N VAL B 131 18.13 4.51 -17.73
CA VAL B 131 18.67 5.85 -17.52
C VAL B 131 20.18 5.77 -17.25
N ARG B 132 20.95 6.60 -17.96
CA ARG B 132 22.39 6.52 -17.90
C ARG B 132 23.02 7.31 -16.79
N LEU B 133 23.88 6.65 -16.00
CA LEU B 133 24.66 7.33 -14.98
C LEU B 133 25.86 8.06 -15.66
N ARG B 134 25.76 9.38 -15.80
CA ARG B 134 26.83 10.20 -16.41
C ARG B 134 27.98 10.34 -15.44
N TYR B 135 27.74 10.88 -14.24
CA TYR B 135 28.76 11.08 -13.23
C TYR B 135 28.21 10.81 -11.83
N PHE B 136 29.10 10.72 -10.83
CA PHE B 136 28.69 10.68 -9.44
C PHE B 136 29.70 11.47 -8.62
N PHE B 137 29.22 12.10 -7.53
CA PHE B 137 30.08 12.86 -6.64
C PHE B 137 29.49 12.92 -5.23
N TYR B 138 30.36 13.06 -4.23
CA TYR B 138 29.91 13.19 -2.85
C TYR B 138 29.82 14.65 -2.44
N SER B 139 28.90 14.99 -1.53
CA SER B 139 28.69 16.39 -1.14
C SER B 139 28.12 16.53 0.29
N SER B 140 27.98 17.78 0.77
CA SER B 140 27.33 18.10 2.05
C SER B 140 25.81 18.26 1.77
N ASP B 145 27.02 17.18 9.16
CA ASP B 145 27.96 16.08 9.44
C ASP B 145 27.58 14.75 8.72
N GLU B 146 26.80 14.86 7.63
CA GLU B 146 26.37 13.72 6.84
C GLU B 146 26.88 13.91 5.41
N VAL B 147 27.39 12.83 4.82
CA VAL B 147 27.86 12.86 3.46
C VAL B 147 26.75 12.38 2.52
N TYR B 148 26.55 13.08 1.41
CA TYR B 148 25.53 12.71 0.43
C TYR B 148 26.16 12.18 -0.86
N LEU B 149 25.48 11.23 -1.51
CA LEU B 149 25.88 10.70 -2.82
C LEU B 149 24.99 11.39 -3.85
N ASN B 150 25.59 11.93 -4.90
CA ASN B 150 24.85 12.59 -5.96
C ASN B 150 25.05 11.82 -7.23
N LEU B 151 23.96 11.38 -7.88
CA LEU B 151 24.03 10.65 -9.13
C LEU B 151 23.59 11.58 -10.24
N VAL B 152 24.49 11.87 -11.18
CA VAL B 152 24.16 12.74 -12.30
C VAL B 152 23.71 11.83 -13.43
N LEU B 153 22.43 11.84 -13.73
CA LEU B 153 21.86 10.98 -14.72
C LEU B 153 21.38 11.77 -15.91
N ASP B 154 21.17 11.10 -17.06
CA ASP B 154 20.58 11.75 -18.23
C ASP B 154 19.16 12.16 -17.86
N TYR B 155 18.74 13.39 -18.18
CA TYR B 155 17.38 13.82 -17.84
C TYR B 155 16.38 13.25 -18.84
N VAL B 156 15.25 12.71 -18.36
CA VAL B 156 14.17 12.22 -19.21
C VAL B 156 12.94 13.03 -18.76
N PRO B 157 12.19 13.68 -19.67
CA PRO B 157 11.16 14.63 -19.22
C PRO B 157 9.86 14.08 -18.67
N GLU B 158 9.40 12.93 -19.14
CA GLU B 158 8.10 12.41 -18.71
C GLU B 158 8.15 11.06 -18.01
N THR B 159 7.01 10.61 -17.48
CA THR B 159 6.89 9.32 -16.84
C THR B 159 5.62 8.65 -17.38
N VAL B 160 5.57 7.31 -17.35
CA VAL B 160 4.38 6.59 -17.74
C VAL B 160 3.21 6.98 -16.79
N TYR B 161 3.51 7.26 -15.51
CA TYR B 161 2.51 7.70 -14.54
C TYR B 161 1.80 8.99 -14.99
N ARG B 162 2.54 10.07 -15.24
CA ARG B 162 1.94 11.33 -15.67
C ARG B 162 1.25 11.18 -17.04
N VAL B 163 1.89 10.51 -18.01
CA VAL B 163 1.29 10.30 -19.31
C VAL B 163 -0.03 9.54 -19.21
N ALA B 164 -0.05 8.37 -18.52
CA ALA B 164 -1.27 7.59 -18.31
C ALA B 164 -2.36 8.38 -17.56
N ARG B 165 -1.95 9.23 -16.59
CA ARG B 165 -2.87 10.05 -15.80
C ARG B 165 -3.57 11.05 -16.72
N HIS B 166 -2.87 11.66 -17.70
CA HIS B 166 -3.52 12.59 -18.64
C HIS B 166 -4.61 11.86 -19.43
N TYR B 167 -4.33 10.66 -19.95
CA TYR B 167 -5.31 9.88 -20.67
C TYR B 167 -6.49 9.50 -19.77
N SER B 168 -6.22 8.95 -18.58
CA SER B 168 -7.29 8.51 -17.65
C SER B 168 -8.20 9.69 -17.22
N ARG B 169 -7.61 10.86 -16.87
CA ARG B 169 -8.37 12.03 -16.49
C ARG B 169 -9.25 12.54 -17.64
N ALA B 170 -8.80 12.37 -18.91
CA ALA B 170 -9.60 12.77 -20.07
C ALA B 170 -10.59 11.68 -20.53
N LYS B 171 -10.74 10.59 -19.77
CA LYS B 171 -11.62 9.46 -20.06
C LYS B 171 -11.23 8.76 -21.37
N GLN B 172 -9.93 8.62 -21.60
CA GLN B 172 -9.38 7.99 -22.81
C GLN B 172 -8.26 7.02 -22.46
N THR B 173 -7.88 6.16 -23.41
CA THR B 173 -6.75 5.27 -23.21
C THR B 173 -5.62 5.64 -24.12
N LEU B 174 -4.41 5.31 -23.71
CA LEU B 174 -3.20 5.53 -24.49
C LEU B 174 -3.28 4.63 -25.74
N PRO B 175 -3.00 5.18 -26.93
CA PRO B 175 -3.08 4.36 -28.14
C PRO B 175 -2.19 3.12 -28.05
N VAL B 176 -2.71 1.97 -28.48
CA VAL B 176 -2.05 0.67 -28.41
C VAL B 176 -0.66 0.62 -29.03
N ILE B 177 -0.31 1.49 -29.99
CA ILE B 177 1.05 1.54 -30.55
C ILE B 177 2.06 2.00 -29.46
N TYR B 178 1.61 2.88 -28.57
CA TYR B 178 2.42 3.36 -27.46
C TYR B 178 2.47 2.31 -26.36
N VAL B 179 1.37 1.57 -26.10
CA VAL B 179 1.35 0.47 -25.13
C VAL B 179 2.41 -0.57 -25.56
N LYS B 180 2.44 -0.93 -26.87
CA LYS B 180 3.41 -1.88 -27.42
C LYS B 180 4.84 -1.35 -27.28
N LEU B 181 5.10 -0.14 -27.75
CA LEU B 181 6.41 0.46 -27.71
C LEU B 181 6.97 0.57 -26.29
N TYR B 182 6.17 1.07 -25.34
CA TYR B 182 6.61 1.23 -23.97
C TYR B 182 6.79 -0.12 -23.29
N MET B 183 5.80 -1.02 -23.43
CA MET B 183 5.91 -2.33 -22.80
C MET B 183 7.07 -3.15 -23.30
N TYR B 184 7.36 -3.04 -24.61
CA TYR B 184 8.47 -3.76 -25.21
C TYR B 184 9.78 -3.26 -24.65
N GLN B 185 9.94 -1.93 -24.56
CA GLN B 185 11.18 -1.35 -24.03
C GLN B 185 11.40 -1.69 -22.55
N LEU B 186 10.31 -1.80 -21.77
CA LEU B 186 10.38 -2.18 -20.37
C LEU B 186 10.88 -3.65 -20.28
N PHE B 187 10.31 -4.54 -21.10
CA PHE B 187 10.76 -5.95 -21.12
C PHE B 187 12.22 -6.10 -21.55
N ARG B 188 12.73 -5.21 -22.41
CA ARG B 188 14.13 -5.26 -22.83
C ARG B 188 15.04 -4.86 -21.67
N SER B 189 14.69 -3.76 -20.95
CA SER B 189 15.47 -3.31 -19.79
C SER B 189 15.47 -4.41 -18.71
N LEU B 190 14.34 -5.11 -18.53
CA LEU B 190 14.26 -6.23 -17.57
C LEU B 190 15.09 -7.41 -18.01
N ALA B 191 15.08 -7.74 -19.30
CA ALA B 191 15.89 -8.83 -19.83
C ALA B 191 17.40 -8.53 -19.59
N TYR B 192 17.80 -7.29 -19.79
CA TYR B 192 19.16 -6.86 -19.55
C TYR B 192 19.56 -6.95 -18.08
N ILE B 193 18.79 -6.32 -17.15
CA ILE B 193 19.14 -6.38 -15.73
C ILE B 193 19.04 -7.81 -15.19
N HIS B 194 18.01 -8.58 -15.59
CA HIS B 194 17.90 -9.96 -15.13
C HIS B 194 19.05 -10.84 -15.62
N SER B 195 19.71 -10.49 -16.75
CA SER B 195 20.85 -11.27 -17.25
C SER B 195 22.07 -11.19 -16.30
N PHE B 196 22.08 -10.20 -15.39
CA PHE B 196 23.12 -10.07 -14.36
C PHE B 196 22.66 -10.59 -12.98
N GLY B 197 21.44 -11.15 -12.90
CA GLY B 197 20.86 -11.55 -11.62
C GLY B 197 20.23 -10.39 -10.86
N ILE B 198 20.26 -9.16 -11.40
CA ILE B 198 19.70 -7.98 -10.76
C ILE B 198 18.19 -7.88 -10.95
N CYS B 199 17.46 -7.74 -9.84
CA CYS B 199 16.00 -7.58 -9.82
C CYS B 199 15.73 -6.10 -9.43
N HIS B 200 14.87 -5.39 -10.18
CA HIS B 200 14.58 -3.98 -9.91
C HIS B 200 13.82 -3.82 -8.56
N ARG B 201 12.82 -4.69 -8.34
CA ARG B 201 12.01 -4.76 -7.13
C ARG B 201 11.04 -3.58 -6.93
N ASP B 202 10.95 -2.63 -7.86
CA ASP B 202 10.00 -1.52 -7.72
C ASP B 202 9.47 -1.05 -9.05
N ILE B 203 9.06 -1.98 -9.91
CA ILE B 203 8.51 -1.63 -11.20
C ILE B 203 7.11 -1.06 -10.96
N LYS B 204 6.92 0.17 -11.42
CA LYS B 204 5.67 0.95 -11.34
C LYS B 204 5.75 2.09 -12.36
N PRO B 205 4.58 2.63 -12.79
CA PRO B 205 4.57 3.69 -13.79
C PRO B 205 5.44 4.92 -13.50
N GLN B 206 5.58 5.33 -12.23
CA GLN B 206 6.42 6.47 -11.89
C GLN B 206 7.93 6.21 -12.19
N ASN B 207 8.34 4.93 -12.17
CA ASN B 207 9.71 4.55 -12.46
C ASN B 207 9.99 4.29 -13.94
N LEU B 208 8.99 4.50 -14.82
CA LEU B 208 9.19 4.30 -16.25
C LEU B 208 9.27 5.68 -16.90
N LEU B 209 10.49 6.15 -17.19
CA LEU B 209 10.68 7.45 -17.80
C LEU B 209 10.40 7.41 -19.31
N LEU B 210 9.87 8.49 -19.88
CA LEU B 210 9.52 8.58 -21.28
C LEU B 210 10.05 9.85 -21.93
N ASP B 211 10.46 9.75 -23.20
CA ASP B 211 10.73 10.94 -24.00
C ASP B 211 9.61 10.88 -25.03
N PRO B 212 8.61 11.76 -24.90
CA PRO B 212 7.43 11.66 -25.79
C PRO B 212 7.69 11.81 -27.29
N ASP B 213 8.66 12.64 -27.69
CA ASP B 213 8.94 12.84 -29.12
C ASP B 213 9.55 11.62 -29.78
N THR B 214 10.44 10.91 -29.08
CA THR B 214 11.09 9.75 -29.66
C THR B 214 10.47 8.41 -29.27
N ALA B 215 9.55 8.42 -28.30
CA ALA B 215 8.90 7.23 -27.73
C ALA B 215 9.91 6.31 -27.01
N VAL B 216 11.04 6.87 -26.54
CA VAL B 216 12.02 6.08 -25.82
C VAL B 216 11.58 5.97 -24.37
N LEU B 217 11.67 4.76 -23.81
CA LEU B 217 11.36 4.50 -22.42
C LEU B 217 12.67 4.16 -21.72
N LYS B 218 12.89 4.70 -20.53
CA LYS B 218 14.05 4.35 -19.74
C LYS B 218 13.64 4.00 -18.30
N LEU B 219 14.01 2.81 -17.86
CA LEU B 219 13.78 2.39 -16.50
C LEU B 219 14.68 3.23 -15.56
N CYS B 220 14.13 3.74 -14.44
CA CYS B 220 14.94 4.50 -13.48
C CYS B 220 14.74 3.98 -12.06
N ASP B 221 15.35 4.66 -11.06
CA ASP B 221 15.25 4.34 -9.66
C ASP B 221 15.69 2.94 -9.32
N PHE B 222 16.99 2.79 -9.13
CA PHE B 222 17.55 1.50 -8.75
C PHE B 222 17.80 1.42 -7.23
N GLY B 223 17.06 2.20 -6.45
CA GLY B 223 17.17 2.26 -4.99
C GLY B 223 16.78 1.01 -4.28
N SER B 224 15.86 0.22 -4.85
CA SER B 224 15.48 -1.08 -4.27
C SER B 224 16.11 -2.25 -5.02
N ALA B 225 16.83 -2.00 -6.14
CA ALA B 225 17.42 -3.05 -6.98
C ALA B 225 18.42 -3.89 -6.22
N LYS B 226 18.41 -5.19 -6.47
CA LYS B 226 19.33 -6.10 -5.81
C LYS B 226 19.68 -7.30 -6.67
N GLN B 227 20.93 -7.77 -6.58
CA GLN B 227 21.32 -9.01 -7.24
C GLN B 227 20.81 -10.16 -6.36
N LEU B 228 19.82 -10.90 -6.84
CA LEU B 228 19.26 -12.00 -6.09
C LEU B 228 20.11 -13.25 -6.16
N VAL B 229 20.47 -13.81 -4.99
CA VAL B 229 21.27 -15.03 -4.91
C VAL B 229 20.41 -16.12 -4.27
N ARG B 230 20.23 -17.24 -4.95
CA ARG B 230 19.43 -18.37 -4.47
C ARG B 230 19.91 -18.86 -3.09
N GLY B 231 18.99 -18.99 -2.14
CA GLY B 231 19.36 -19.41 -0.80
C GLY B 231 19.65 -18.28 0.16
N GLU B 232 19.90 -17.07 -0.36
CA GLU B 232 20.11 -15.90 0.49
C GLU B 232 18.76 -15.16 0.56
N PRO B 233 18.26 -14.84 1.77
CA PRO B 233 16.93 -14.22 1.87
C PRO B 233 16.93 -12.74 1.52
N ASN B 234 15.76 -12.26 1.10
CA ASN B 234 15.56 -10.86 0.70
C ASN B 234 14.38 -10.30 1.47
N VAL B 235 14.39 -9.00 1.75
CA VAL B 235 13.26 -8.37 2.43
C VAL B 235 11.99 -8.42 1.54
N SER B 236 10.84 -8.77 2.14
CA SER B 236 9.61 -8.87 1.37
C SER B 236 8.85 -7.55 1.20
N TYR B 237 9.24 -6.51 1.94
CA TYR B 237 8.53 -5.24 1.96
C TYR B 237 8.88 -4.26 0.83
N ILE B 238 9.56 -4.75 -0.22
CA ILE B 238 9.85 -3.92 -1.39
C ILE B 238 8.62 -3.94 -2.35
N CYS B 239 8.63 -3.06 -3.39
CA CYS B 239 7.57 -3.00 -4.39
C CYS B 239 6.37 -2.20 -3.87
N SER B 240 5.75 -1.42 -4.74
CA SER B 240 4.70 -0.50 -4.35
C SER B 240 3.32 -1.05 -4.54
N ARG B 241 2.38 -0.60 -3.70
CA ARG B 241 0.94 -0.91 -3.71
C ARG B 241 0.39 -0.93 -5.15
N TYR B 242 -0.34 -1.97 -5.52
CA TYR B 242 -0.95 -2.25 -6.83
C TYR B 242 -0.06 -3.16 -7.67
N TYR B 243 1.29 -3.06 -7.51
CA TYR B 243 2.25 -3.76 -8.39
C TYR B 243 2.97 -4.92 -7.74
N ARG B 244 2.63 -5.25 -6.50
CA ARG B 244 3.28 -6.32 -5.74
C ARG B 244 2.80 -7.68 -6.18
N ALA B 245 3.77 -8.58 -6.46
CA ALA B 245 3.48 -9.96 -6.84
C ALA B 245 2.80 -10.65 -5.65
N PRO B 246 1.92 -11.64 -5.86
CA PRO B 246 1.27 -12.28 -4.70
C PRO B 246 2.25 -12.92 -3.71
N GLU B 247 3.42 -13.40 -4.19
CA GLU B 247 4.43 -13.94 -3.24
C GLU B 247 4.92 -12.84 -2.30
N LEU B 248 5.00 -11.58 -2.77
CA LEU B 248 5.39 -10.46 -1.91
C LEU B 248 4.27 -10.11 -0.91
N ILE B 249 3.00 -10.23 -1.34
CA ILE B 249 1.87 -9.98 -0.46
C ILE B 249 1.90 -11.01 0.67
N PHE B 250 2.15 -12.28 0.33
CA PHE B 250 2.27 -13.33 1.36
C PHE B 250 3.58 -13.25 2.14
N GLY B 251 4.36 -12.19 1.98
CA GLY B 251 5.59 -11.97 2.70
C GLY B 251 6.73 -12.93 2.44
N ALA B 252 6.82 -13.51 1.22
CA ALA B 252 7.91 -14.42 0.88
C ALA B 252 9.23 -13.68 0.89
N THR B 253 10.24 -14.38 1.32
CA THR B 253 11.60 -13.89 1.47
C THR B 253 12.57 -14.56 0.42
N ASP B 254 12.08 -15.60 -0.29
CA ASP B 254 12.81 -16.43 -1.26
C ASP B 254 12.34 -16.21 -2.71
N TYR B 255 11.79 -15.04 -3.02
CA TYR B 255 11.28 -14.74 -4.36
C TYR B 255 12.38 -14.59 -5.41
N THR B 256 12.00 -14.62 -6.69
CA THR B 256 12.92 -14.50 -7.82
C THR B 256 12.67 -13.18 -8.59
N SER B 257 13.47 -12.92 -9.65
CA SER B 257 13.32 -11.80 -10.58
C SER B 257 11.91 -11.73 -11.18
N SER B 258 11.17 -12.83 -11.17
CA SER B 258 9.84 -12.87 -11.74
C SER B 258 8.85 -11.93 -11.04
N ILE B 259 9.22 -11.34 -9.88
CA ILE B 259 8.37 -10.33 -9.24
C ILE B 259 8.27 -9.09 -10.16
N ASP B 260 9.36 -8.77 -10.92
CA ASP B 260 9.37 -7.65 -11.90
C ASP B 260 8.41 -7.92 -13.05
N VAL B 261 8.23 -9.18 -13.44
CA VAL B 261 7.36 -9.54 -14.53
C VAL B 261 5.91 -9.37 -14.12
N TRP B 262 5.55 -9.70 -12.85
CA TRP B 262 4.19 -9.48 -12.31
C TRP B 262 3.94 -7.95 -12.34
N SER B 263 4.91 -7.16 -11.85
CA SER B 263 4.79 -5.69 -11.84
C SER B 263 4.57 -5.14 -13.25
N ALA B 264 5.36 -5.61 -14.25
CA ALA B 264 5.19 -5.19 -15.63
C ALA B 264 3.80 -5.61 -16.20
N GLY B 265 3.30 -6.78 -15.82
CA GLY B 265 1.97 -7.21 -16.23
C GLY B 265 0.87 -6.31 -15.68
N CYS B 266 1.09 -5.77 -14.47
CA CYS B 266 0.18 -4.82 -13.81
C CYS B 266 0.22 -3.48 -14.54
N VAL B 267 1.41 -3.06 -15.01
CA VAL B 267 1.55 -1.82 -15.78
C VAL B 267 0.84 -1.98 -17.14
N LEU B 268 1.03 -3.12 -17.83
CA LEU B 268 0.36 -3.38 -19.12
C LEU B 268 -1.15 -3.30 -18.96
N ALA B 269 -1.72 -4.04 -17.99
CA ALA B 269 -3.15 -4.08 -17.70
C ALA B 269 -3.68 -2.67 -17.36
N GLU B 270 -2.92 -1.88 -16.59
CA GLU B 270 -3.32 -0.53 -16.23
C GLU B 270 -3.34 0.39 -17.44
N LEU B 271 -2.40 0.22 -18.38
CA LEU B 271 -2.39 1.00 -19.61
C LEU B 271 -3.56 0.63 -20.52
N LEU B 272 -4.00 -0.63 -20.49
CA LEU B 272 -5.12 -1.06 -21.29
C LEU B 272 -6.46 -0.69 -20.62
N LEU B 273 -6.51 -0.68 -19.29
CA LEU B 273 -7.75 -0.38 -18.55
C LEU B 273 -8.00 1.08 -18.26
N GLY B 274 -6.94 1.86 -18.13
CA GLY B 274 -7.06 3.25 -17.74
C GLY B 274 -7.11 3.42 -16.22
N GLN B 275 -6.97 2.33 -15.47
CA GLN B 275 -6.96 2.29 -14.01
C GLN B 275 -6.24 1.01 -13.53
N PRO B 276 -5.68 1.02 -12.29
CA PRO B 276 -4.98 -0.18 -11.79
C PRO B 276 -5.83 -1.43 -11.82
N ILE B 277 -5.24 -2.59 -12.17
CA ILE B 277 -6.00 -3.84 -12.26
C ILE B 277 -6.26 -4.44 -10.86
N PHE B 278 -5.28 -4.34 -9.93
CA PHE B 278 -5.48 -4.91 -8.58
C PHE B 278 -5.32 -3.84 -7.50
N PRO B 279 -6.28 -2.92 -7.40
CA PRO B 279 -6.16 -1.84 -6.38
C PRO B 279 -6.49 -2.31 -4.97
N GLY B 280 -6.20 -1.45 -3.99
CA GLY B 280 -6.49 -1.71 -2.59
C GLY B 280 -5.40 -1.18 -1.68
N ASP B 281 -5.75 -0.61 -0.53
CA ASP B 281 -4.74 -0.08 0.41
C ASP B 281 -4.15 -1.14 1.34
N SER B 282 -4.70 -2.36 1.36
CA SER B 282 -4.15 -3.45 2.13
C SER B 282 -3.91 -4.66 1.22
N GLY B 283 -3.06 -5.57 1.65
CA GLY B 283 -2.80 -6.80 0.93
C GLY B 283 -4.02 -7.67 0.76
N VAL B 284 -4.95 -7.66 1.73
CA VAL B 284 -6.16 -8.47 1.64
C VAL B 284 -7.08 -7.93 0.53
N ASP B 285 -7.17 -6.59 0.39
CA ASP B 285 -7.97 -5.99 -0.67
C ASP B 285 -7.33 -6.27 -2.03
N GLN B 286 -5.99 -6.19 -2.10
CA GLN B 286 -5.25 -6.47 -3.33
C GLN B 286 -5.47 -7.93 -3.75
N LEU B 287 -5.36 -8.84 -2.78
CA LEU B 287 -5.58 -10.27 -2.97
C LEU B 287 -7.00 -10.61 -3.42
N VAL B 288 -8.01 -9.90 -2.92
CA VAL B 288 -9.38 -10.14 -3.35
C VAL B 288 -9.53 -9.79 -4.84
N GLU B 289 -8.92 -8.67 -5.26
CA GLU B 289 -8.91 -8.23 -6.65
C GLU B 289 -8.15 -9.19 -7.56
N ILE B 290 -7.05 -9.79 -7.07
CA ILE B 290 -6.28 -10.76 -7.81
C ILE B 290 -7.13 -12.01 -8.01
N ILE B 291 -7.73 -12.52 -6.93
CA ILE B 291 -8.55 -13.71 -7.00
C ILE B 291 -9.80 -13.52 -7.86
N LYS B 292 -10.30 -12.29 -8.00
CA LYS B 292 -11.45 -12.05 -8.87
C LYS B 292 -11.11 -12.28 -10.35
N VAL B 293 -9.85 -12.04 -10.76
CA VAL B 293 -9.42 -12.21 -12.15
C VAL B 293 -8.81 -13.59 -12.39
N LEU B 294 -7.91 -14.01 -11.50
CA LEU B 294 -7.19 -15.27 -11.66
C LEU B 294 -7.90 -16.49 -11.12
N GLY B 295 -8.93 -16.31 -10.31
CA GLY B 295 -9.57 -17.43 -9.62
C GLY B 295 -8.78 -17.80 -8.38
N THR B 296 -9.33 -18.69 -7.55
CA THR B 296 -8.69 -19.08 -6.29
C THR B 296 -7.37 -19.79 -6.51
N PRO B 297 -6.29 -19.39 -5.84
CA PRO B 297 -5.02 -20.12 -6.01
C PRO B 297 -5.15 -21.51 -5.40
N THR B 298 -4.67 -22.52 -6.11
CA THR B 298 -4.70 -23.90 -5.63
C THR B 298 -3.68 -24.05 -4.49
N ARG B 299 -3.73 -25.16 -3.74
CA ARG B 299 -2.76 -25.41 -2.68
C ARG B 299 -1.34 -25.48 -3.25
N GLU B 300 -1.19 -25.98 -4.50
CA GLU B 300 0.10 -26.11 -5.19
C GLU B 300 0.63 -24.71 -5.53
N GLN B 301 -0.25 -23.84 -6.09
CA GLN B 301 0.11 -22.46 -6.42
C GLN B 301 0.50 -21.71 -5.16
N ILE B 302 -0.24 -21.90 -4.05
CA ILE B 302 0.07 -21.25 -2.78
C ILE B 302 1.44 -21.64 -2.28
N ARG B 303 1.76 -22.94 -2.31
CA ARG B 303 3.05 -23.44 -1.86
C ARG B 303 4.21 -22.86 -2.67
N GLU B 304 3.96 -22.57 -3.96
CA GLU B 304 4.99 -21.97 -4.82
C GLU B 304 5.24 -20.48 -4.47
N MET B 305 4.23 -19.78 -3.90
CA MET B 305 4.34 -18.38 -3.51
C MET B 305 4.92 -18.27 -2.09
N ASN B 306 4.23 -18.84 -1.10
CA ASN B 306 4.75 -18.91 0.26
C ASN B 306 4.17 -20.17 0.87
N PRO B 307 5.05 -21.15 1.16
CA PRO B 307 4.55 -22.41 1.73
C PRO B 307 3.93 -22.26 3.12
N ASN B 308 4.32 -21.22 3.88
CA ASN B 308 3.72 -21.01 5.21
C ASN B 308 2.25 -20.57 5.15
N TYR B 309 1.70 -20.30 3.97
CA TYR B 309 0.33 -19.84 3.84
C TYR B 309 -0.64 -20.87 3.26
N THR B 310 -0.22 -22.14 3.16
CA THR B 310 -1.05 -23.21 2.57
C THR B 310 -2.34 -23.55 3.32
N GLU B 311 -2.34 -23.46 4.65
CA GLU B 311 -3.50 -23.82 5.46
C GLU B 311 -4.58 -22.75 5.55
N PHE B 312 -4.31 -21.53 5.06
CA PHE B 312 -5.31 -20.46 5.14
C PHE B 312 -6.45 -20.67 4.14
N LYS B 313 -7.65 -20.18 4.48
CA LYS B 313 -8.83 -20.30 3.63
C LYS B 313 -8.93 -19.06 2.73
N PHE B 314 -9.22 -19.26 1.44
CA PHE B 314 -9.33 -18.15 0.50
C PHE B 314 -10.70 -18.12 -0.15
N PRO B 315 -11.22 -16.93 -0.51
CA PRO B 315 -12.56 -16.88 -1.14
C PRO B 315 -12.66 -17.74 -2.40
N GLN B 316 -13.74 -18.52 -2.52
CA GLN B 316 -13.90 -19.40 -3.67
C GLN B 316 -14.47 -18.70 -4.91
N ILE B 317 -13.60 -18.23 -5.80
CA ILE B 317 -14.02 -17.56 -7.02
C ILE B 317 -13.56 -18.40 -8.23
N LYS B 318 -14.47 -18.68 -9.17
CA LYS B 318 -14.16 -19.43 -10.38
C LYS B 318 -13.28 -18.60 -11.32
N ALA B 319 -12.36 -19.27 -12.07
CA ALA B 319 -11.44 -18.60 -13.00
C ALA B 319 -12.14 -17.72 -14.07
N HIS B 320 -12.25 -16.41 -13.79
CA HIS B 320 -12.89 -15.44 -14.68
C HIS B 320 -12.19 -15.37 -16.05
N PRO B 321 -12.97 -15.22 -17.14
CA PRO B 321 -12.34 -15.17 -18.47
C PRO B 321 -11.69 -13.81 -18.71
N TRP B 322 -10.40 -13.83 -18.99
CA TRP B 322 -9.63 -12.61 -19.23
C TRP B 322 -10.23 -11.68 -20.29
N THR B 323 -11.04 -12.20 -21.23
CA THR B 323 -11.64 -11.35 -22.27
C THR B 323 -12.65 -10.36 -21.68
N LYS B 324 -13.34 -10.74 -20.59
CA LYS B 324 -14.32 -9.89 -19.91
C LYS B 324 -13.72 -8.77 -19.02
N VAL B 325 -12.43 -8.90 -18.65
CA VAL B 325 -11.78 -7.92 -17.78
C VAL B 325 -11.48 -6.60 -18.52
N PHE B 326 -11.18 -6.64 -19.82
CA PHE B 326 -10.84 -5.43 -20.56
C PHE B 326 -11.98 -4.89 -21.44
N ARG B 327 -11.86 -3.64 -21.94
CA ARG B 327 -12.85 -3.05 -22.85
C ARG B 327 -12.99 -3.94 -24.13
N PRO B 328 -14.15 -3.91 -24.82
CA PRO B 328 -14.33 -4.79 -26.00
C PRO B 328 -13.37 -4.56 -27.17
N ARG B 329 -12.84 -3.35 -27.34
CA ARG B 329 -11.90 -3.06 -28.42
C ARG B 329 -10.43 -3.48 -28.12
N THR B 330 -10.18 -4.07 -26.94
CA THR B 330 -8.83 -4.48 -26.52
C THR B 330 -8.27 -5.60 -27.39
N PRO B 331 -7.06 -5.40 -27.96
CA PRO B 331 -6.45 -6.45 -28.78
C PRO B 331 -6.28 -7.76 -28.03
N PRO B 332 -6.78 -8.87 -28.61
CA PRO B 332 -6.65 -10.17 -27.94
C PRO B 332 -5.22 -10.60 -27.63
N GLU B 333 -4.25 -10.08 -28.38
CA GLU B 333 -2.85 -10.39 -28.14
C GLU B 333 -2.39 -9.77 -26.81
N ALA B 334 -2.87 -8.54 -26.50
CA ALA B 334 -2.55 -7.84 -25.26
C ALA B 334 -3.10 -8.60 -24.07
N ILE B 335 -4.35 -9.12 -24.20
CA ILE B 335 -5.02 -9.90 -23.18
C ILE B 335 -4.27 -11.20 -22.92
N ALA B 336 -3.83 -11.89 -24.00
CA ALA B 336 -3.08 -13.14 -23.89
C ALA B 336 -1.73 -12.89 -23.22
N LEU B 337 -1.09 -11.74 -23.51
CA LEU B 337 0.18 -11.38 -22.89
C LEU B 337 -0.02 -11.18 -21.37
N CYS B 338 -1.11 -10.48 -20.99
CA CYS B 338 -1.45 -10.25 -19.57
C CYS B 338 -1.59 -11.57 -18.82
N SER B 339 -2.40 -12.49 -19.37
CA SER B 339 -2.62 -13.77 -18.72
C SER B 339 -1.35 -14.58 -18.55
N ARG B 340 -0.32 -14.33 -19.36
CA ARG B 340 0.94 -15.05 -19.26
C ARG B 340 1.95 -14.40 -18.31
N LEU B 341 1.76 -13.10 -17.99
CA LEU B 341 2.60 -12.38 -17.03
C LEU B 341 2.01 -12.49 -15.61
N LEU B 342 0.69 -12.35 -15.53
CA LEU B 342 -0.07 -12.36 -14.29
C LEU B 342 -0.54 -13.74 -13.92
N GLU B 343 0.40 -14.58 -13.45
CA GLU B 343 0.18 -15.96 -13.05
C GLU B 343 0.62 -16.15 -11.62
N TYR B 344 -0.07 -17.01 -10.86
CA TYR B 344 0.30 -17.29 -9.48
C TYR B 344 1.68 -17.92 -9.39
N THR B 345 1.91 -19.02 -10.14
CA THR B 345 3.20 -19.72 -10.09
C THR B 345 4.30 -18.84 -10.67
N PRO B 346 5.25 -18.42 -9.84
CA PRO B 346 6.31 -17.53 -10.34
C PRO B 346 7.06 -18.06 -11.54
N THR B 347 7.26 -19.38 -11.62
CA THR B 347 7.98 -19.98 -12.74
C THR B 347 7.14 -20.11 -14.01
N ALA B 348 5.81 -20.01 -13.92
CA ALA B 348 4.92 -20.08 -15.10
C ALA B 348 4.84 -18.75 -15.87
N ARG B 349 5.27 -17.65 -15.26
CA ARG B 349 5.21 -16.36 -15.88
C ARG B 349 6.25 -16.31 -16.98
N LEU B 350 5.97 -15.60 -18.11
CA LEU B 350 6.99 -15.42 -19.15
C LEU B 350 8.24 -14.74 -18.58
N THR B 351 9.38 -14.97 -19.19
CA THR B 351 10.58 -14.24 -18.83
C THR B 351 10.46 -12.91 -19.64
N PRO B 352 11.22 -11.87 -19.26
CA PRO B 352 11.19 -10.62 -20.04
C PRO B 352 11.46 -10.82 -21.54
N LEU B 353 12.48 -11.65 -21.89
CA LEU B 353 12.85 -11.94 -23.27
C LEU B 353 11.76 -12.69 -23.99
N GLU B 354 11.12 -13.65 -23.32
CA GLU B 354 9.98 -14.36 -23.93
C GLU B 354 8.83 -13.40 -24.17
N ALA B 355 8.62 -12.40 -23.28
CA ALA B 355 7.56 -11.42 -23.46
C ALA B 355 7.88 -10.50 -24.62
N CYS B 356 9.16 -10.12 -24.82
CA CYS B 356 9.58 -9.32 -26.00
C CYS B 356 9.16 -10.06 -27.30
N ALA B 357 9.24 -11.40 -27.31
CA ALA B 357 8.93 -12.23 -28.47
C ALA B 357 7.43 -12.55 -28.66
N HIS B 358 6.58 -12.00 -27.83
CA HIS B 358 5.15 -12.25 -27.89
C HIS B 358 4.51 -11.62 -29.14
N SER B 359 3.44 -12.25 -29.65
CA SER B 359 2.73 -11.75 -30.83
C SER B 359 2.16 -10.34 -30.67
N PHE B 360 1.93 -9.90 -29.41
CA PHE B 360 1.47 -8.52 -29.17
C PHE B 360 2.47 -7.47 -29.72
N PHE B 361 3.76 -7.84 -29.81
CA PHE B 361 4.79 -6.95 -30.32
C PHE B 361 5.14 -7.13 -31.81
N ASP B 362 4.42 -8.01 -32.55
CA ASP B 362 4.69 -8.25 -33.97
C ASP B 362 4.63 -6.98 -34.82
N GLU B 363 3.70 -6.05 -34.50
CA GLU B 363 3.60 -4.77 -35.19
C GLU B 363 4.94 -3.97 -35.13
N LEU B 364 5.64 -4.07 -34.02
CA LEU B 364 6.94 -3.40 -33.84
C LEU B 364 8.03 -3.97 -34.75
N ARG B 365 7.88 -5.22 -35.15
CA ARG B 365 8.82 -5.92 -35.98
C ARG B 365 8.59 -5.74 -37.49
N ASP B 366 7.42 -5.17 -37.89
CA ASP B 366 7.13 -4.87 -39.29
C ASP B 366 8.12 -3.78 -39.76
N PRO B 367 8.74 -3.93 -40.94
CA PRO B 367 9.73 -2.92 -41.40
C PRO B 367 9.14 -1.55 -41.71
N ASN B 368 7.83 -1.47 -41.97
CA ASN B 368 7.19 -0.20 -42.28
C ASN B 368 6.64 0.55 -41.07
N VAL B 369 6.80 0.02 -39.84
CA VAL B 369 6.27 0.67 -38.63
C VAL B 369 6.90 2.05 -38.39
N LYS B 370 6.03 3.02 -38.08
CA LYS B 370 6.46 4.37 -37.77
C LYS B 370 5.66 4.91 -36.57
N LEU B 371 6.19 5.93 -35.89
CA LEU B 371 5.47 6.57 -34.80
C LEU B 371 4.32 7.40 -35.39
N PRO B 372 3.25 7.64 -34.63
CA PRO B 372 2.15 8.49 -35.12
C PRO B 372 2.63 9.88 -35.56
N ASN B 373 3.70 10.41 -34.91
CA ASN B 373 4.25 11.70 -35.30
C ASN B 373 5.13 11.67 -36.56
N GLY B 374 5.10 10.56 -37.31
CA GLY B 374 5.84 10.38 -38.53
C GLY B 374 7.27 9.91 -38.39
N ARG B 375 7.88 10.08 -37.20
CA ARG B 375 9.27 9.67 -36.97
C ARG B 375 9.47 8.14 -36.98
N ASP B 376 10.73 7.71 -37.13
CA ASP B 376 11.06 6.29 -37.05
C ASP B 376 10.85 5.85 -35.60
N THR B 377 10.58 4.54 -35.37
CA THR B 377 10.50 4.02 -34.01
C THR B 377 11.95 4.09 -33.44
N PRO B 378 12.13 4.13 -32.11
CA PRO B 378 13.50 4.11 -31.56
C PRO B 378 14.18 2.74 -31.76
N ALA B 379 15.45 2.62 -31.34
CA ALA B 379 16.18 1.36 -31.46
C ALA B 379 15.44 0.22 -30.71
N LEU B 380 15.11 -0.86 -31.40
CA LEU B 380 14.36 -1.96 -30.79
C LEU B 380 15.02 -3.32 -30.94
N PHE B 381 16.01 -3.44 -31.84
CA PHE B 381 16.57 -4.75 -32.18
C PHE B 381 18.08 -4.89 -32.01
N ASN B 382 18.75 -3.87 -31.47
CA ASN B 382 20.19 -3.89 -31.25
C ASN B 382 20.54 -4.73 -30.00
N PHE B 383 20.07 -5.97 -29.97
CA PHE B 383 20.26 -6.87 -28.85
C PHE B 383 21.70 -7.30 -28.74
N THR B 384 22.25 -7.26 -27.52
CA THR B 384 23.62 -7.75 -27.31
C THR B 384 23.59 -9.24 -26.91
N THR B 385 24.76 -9.90 -26.91
CA THR B 385 24.87 -11.29 -26.46
C THR B 385 24.47 -11.40 -24.98
N GLN B 386 24.86 -10.42 -24.17
CA GLN B 386 24.51 -10.34 -22.74
C GLN B 386 22.97 -10.33 -22.57
N GLU B 387 22.29 -9.48 -23.33
CA GLU B 387 20.86 -9.32 -23.30
C GLU B 387 20.10 -10.56 -23.74
N LEU B 388 20.66 -11.34 -24.66
CA LEU B 388 20.02 -12.54 -25.21
C LEU B 388 20.30 -13.83 -24.43
N SER B 389 21.30 -13.81 -23.54
CA SER B 389 21.86 -14.96 -22.84
C SER B 389 20.86 -15.86 -22.10
N SER B 390 19.68 -15.37 -21.69
CA SER B 390 18.70 -16.25 -21.04
C SER B 390 18.10 -17.28 -22.03
N ASN B 391 18.16 -16.99 -23.35
CA ASN B 391 17.59 -17.86 -24.37
C ASN B 391 18.07 -17.43 -25.78
N PRO B 392 19.37 -17.69 -26.12
CA PRO B 392 19.87 -17.23 -27.44
C PRO B 392 19.01 -17.60 -28.66
N PRO B 393 18.38 -18.78 -28.78
CA PRO B 393 17.52 -19.03 -29.94
C PRO B 393 16.39 -18.01 -30.15
N LEU B 394 16.03 -17.24 -29.12
CA LEU B 394 14.94 -16.25 -29.24
C LEU B 394 15.27 -15.13 -30.25
N ALA B 395 16.56 -14.89 -30.53
CA ALA B 395 17.02 -13.91 -31.53
C ALA B 395 16.36 -14.16 -32.91
N THR B 396 15.93 -15.38 -33.18
CA THR B 396 15.25 -15.78 -34.40
C THR B 396 13.98 -14.96 -34.59
N ILE B 397 13.25 -14.72 -33.50
CA ILE B 397 12.05 -13.89 -33.49
C ILE B 397 12.40 -12.40 -33.20
N LEU B 398 13.23 -12.15 -32.20
CA LEU B 398 13.57 -10.80 -31.77
C LEU B 398 14.23 -9.89 -32.78
N ILE B 399 15.08 -10.43 -33.65
CA ILE B 399 15.75 -9.59 -34.65
C ILE B 399 15.09 -9.94 -35.98
N PRO B 400 14.18 -9.10 -36.48
CA PRO B 400 13.44 -9.44 -37.70
C PRO B 400 14.32 -9.39 -38.95
N PRO B 401 13.91 -10.10 -40.03
CA PRO B 401 14.76 -10.14 -41.26
C PRO B 401 15.31 -8.82 -41.77
N HIS B 402 14.53 -7.73 -41.71
CA HIS B 402 15.01 -6.42 -42.17
C HIS B 402 16.10 -5.81 -41.29
N ALA B 403 16.16 -6.22 -40.01
CA ALA B 403 17.19 -5.77 -39.07
C ALA B 403 18.51 -6.53 -39.27
N ARG B 404 18.48 -7.67 -39.97
CA ARG B 404 19.65 -8.45 -40.31
C ARG B 404 20.23 -8.06 -41.70
N ILE B 405 19.62 -7.09 -42.42
CA ILE B 405 20.08 -6.68 -43.75
C ILE B 405 21.48 -6.05 -43.71
N GLN B 406 22.43 -6.72 -44.39
CA GLN B 406 23.84 -6.37 -44.53
C GLN B 406 23.98 -5.09 -45.31
#